data_6YKQ
#
_entry.id   6YKQ
#
_cell.length_a   49.243
_cell.length_b   80.796
_cell.length_c   222.916
_cell.angle_alpha   90.000
_cell.angle_beta   90.000
_cell.angle_gamma   90.000
#
_symmetry.space_group_name_H-M   'P 21 21 21'
#
loop_
_entity.id
_entity.type
_entity.pdbx_description
1 polymer 'Leucine--tRNA ligase'
2 non-polymer '[(2~{R},3~{S},4~{S},5~{R})-5-[3-(4-octyl-1,2,3-triazol-1-yl)propyl]-3,4-bis(oxidanyl)oxan-2-yl]methyl ~{N}-[(2~{S})-2-azanyl-4-methyl-pentanoyl]sulfamate'
3 non-polymer 'ZINC ION'
4 non-polymer 1,2-ETHANEDIOL
5 non-polymer 'MAGNESIUM ION'
6 water water
#
_entity_poly.entity_id   1
_entity_poly.type   'polypeptide(L)'
_entity_poly.pdbx_seq_one_letter_code
;GMQEHYQPAAIEPAAQKKWDDARISNVSEDASKPKYYCLSMFPYPSGKLHMGHVRNYTIGDVLSRFKLLNGFNVMQPMGW
DAFGMPAENAAMKNNVAPAAWTYDNIEYMKTQLKSLGFAVDWEREVATCKPEYYRWEQWLFTKLFEKGIVYRKNGTVNWD
PVDQTVLANEQVIDGRGWRSGALIEKREIPMYYFKITDYAEELLNDLDKLEHWPEQVKTMQRNWIGKSRGMTVRFAVSDD
SKQGLEGDYAKFLQVYTTRPDTLMGATYVAVAAEHPLATAAAADKPELQAFIAECKAGSVAEADMATMEKKGVPTGRYVV
NPLNGDKLEVWIANYVLWGYGDGAVMAVPAHDERDFEFAAKYNLPKKQVIAVGDNAFDANRWQEWYGDKENGVLVNSGDL
DGLDFQTAFDAVAAKLQSQGAGEPKTQYRLRDWGISRQRYWGCPIPIVHCEKCGNVPVPADQLPVVLPENVVPDGMGSPL
AKMPEFYETSCPCCGGAAKRETDTMDTFIESSWYFFRYMSPKFSDGMVSAESAKYWGAVDQYIGGIEHAILHLLYARFFT
KLMRDEGLVNVDEPFERLLTQGMVVCETYYRENDKGGKDWINPADVELTFDDKGRPVSAVLKADGLPVVISGTEKMSKSK
NNGVDPQELINAYGADTARLFMMFAAPPEQSLEWSDSGVEGAHRFLRRLWRTVYEYLKQGGAVKAFAGNQDGLSKELKDL
RHKLHSTTAKVSDDYGRRQQFNTAIAAVMELLNQYDKTDTGSEQGRAVAQEVLEAAVRLLWPIVPHICETLWSELNGAKL
WEAGWPTVDEAALVKSEIEVMVQVNGKLRGKITVAADASKADLEAAALANEGAVKFMEGKPAKKIIVVPGRLVNIVV
;
_entity_poly.pdbx_strand_id   A
#
loop_
_chem_comp.id
_chem_comp.type
_chem_comp.name
_chem_comp.formula
EDO non-polymer 1,2-ETHANEDIOL 'C2 H6 O2'
MG non-polymer 'MAGNESIUM ION' 'Mg 2'
OVW non-polymer '[(2~{R},3~{S},4~{S},5~{R})-5-[3-(4-octyl-1,2,3-triazol-1-yl)propyl]-3,4-bis(oxidanyl)oxan-2-yl]methyl ~{N}-[(2~{S})-2-azanyl-4-methyl-pentanoyl]sulfamate' 'C25 H47 N5 O7 S'
ZN non-polymer 'ZINC ION' 'Zn 2'
#
# COMPACT_ATOMS: atom_id res chain seq x y z
N MET A 2 -19.67 27.13 30.31
CA MET A 2 -18.53 26.35 29.81
C MET A 2 -17.57 26.04 30.96
N GLN A 3 -17.23 24.76 31.13
CA GLN A 3 -16.34 24.35 32.20
C GLN A 3 -14.95 24.93 31.98
N GLU A 4 -14.29 25.30 33.08
CA GLU A 4 -12.98 25.94 32.99
C GLU A 4 -11.93 25.02 32.36
N HIS A 5 -11.96 23.74 32.70
CA HIS A 5 -10.89 22.83 32.32
C HIS A 5 -11.36 21.82 31.28
N TYR A 6 -10.44 21.47 30.39
CA TYR A 6 -10.69 20.48 29.35
C TYR A 6 -10.74 19.08 29.97
N GLN A 7 -11.86 18.40 29.79
CA GLN A 7 -12.01 17.02 30.29
C GLN A 7 -12.56 16.14 29.16
N PRO A 8 -11.68 15.45 28.44
CA PRO A 8 -12.13 14.59 27.32
C PRO A 8 -13.26 13.63 27.67
N ALA A 9 -13.26 13.03 28.87
CA ALA A 9 -14.25 12.01 29.19
C ALA A 9 -15.65 12.61 29.25
N ALA A 10 -15.75 13.89 29.56
CA ALA A 10 -17.04 14.55 29.67
C ALA A 10 -17.53 15.16 28.36
N ILE A 11 -16.72 15.16 27.30
CA ILE A 11 -17.18 15.80 26.06
C ILE A 11 -17.14 14.82 24.89
N GLU A 12 -16.28 13.80 24.96
CA GLU A 12 -16.15 12.92 23.79
C GLU A 12 -17.39 12.05 23.61
N PRO A 13 -17.94 11.40 24.64
CA PRO A 13 -19.22 10.67 24.43
C PRO A 13 -20.36 11.57 24.00
N ALA A 14 -20.47 12.79 24.54
CA ALA A 14 -21.55 13.67 24.12
C ALA A 14 -21.42 14.05 22.65
N ALA A 15 -20.21 14.41 22.21
CA ALA A 15 -20.01 14.73 20.80
C ALA A 15 -20.40 13.55 19.91
N GLN A 16 -19.98 12.34 20.31
CA GLN A 16 -20.29 11.18 19.48
C GLN A 16 -21.80 10.96 19.37
N LYS A 17 -22.54 11.16 20.46
CA LYS A 17 -23.99 11.01 20.41
C LYS A 17 -24.64 12.10 19.58
N LYS A 18 -24.09 13.32 19.61
CA LYS A 18 -24.61 14.39 18.76
C LYS A 18 -24.46 14.04 17.29
N TRP A 19 -23.31 13.48 16.91
CA TRP A 19 -23.09 13.10 15.51
C TRP A 19 -23.95 11.92 15.12
N ASP A 20 -24.03 10.91 15.98
CA ASP A 20 -24.86 9.74 15.70
C ASP A 20 -26.32 10.15 15.52
N ASP A 21 -26.84 10.99 16.42
CA ASP A 21 -28.25 11.38 16.33
C ASP A 21 -28.53 12.14 15.05
N ALA A 22 -27.58 12.94 14.59
CA ALA A 22 -27.74 13.69 13.35
C ALA A 22 -27.51 12.83 12.12
N ARG A 23 -27.08 11.59 12.31
CA ARG A 23 -26.81 10.64 11.23
C ARG A 23 -25.90 11.26 10.18
N ILE A 24 -24.90 12.03 10.63
CA ILE A 24 -24.11 12.78 9.66
C ILE A 24 -23.29 11.82 8.80
N SER A 25 -22.92 10.65 9.32
CA SER A 25 -22.08 9.73 8.57
C SER A 25 -22.88 8.65 7.86
N ASN A 26 -24.20 8.62 8.00
CA ASN A 26 -25.03 7.61 7.34
C ASN A 26 -25.50 8.21 6.03
N VAL A 27 -24.87 7.82 4.94
CA VAL A 27 -25.10 8.48 3.66
C VAL A 27 -25.86 7.54 2.75
N SER A 28 -26.61 8.12 1.83
CA SER A 28 -27.34 7.39 0.81
C SER A 28 -26.91 7.93 -0.56
N GLU A 29 -27.51 7.38 -1.60
CA GLU A 29 -27.19 7.77 -2.98
C GLU A 29 -27.95 9.05 -3.35
N ASP A 30 -27.62 10.13 -2.64
CA ASP A 30 -28.31 11.41 -2.78
C ASP A 30 -27.76 12.16 -3.98
N ALA A 31 -28.54 12.21 -5.06
CA ALA A 31 -28.10 12.80 -6.32
C ALA A 31 -27.86 14.31 -6.23
N SER A 32 -28.24 14.97 -5.13
CA SER A 32 -28.19 16.42 -5.04
C SER A 32 -26.97 16.94 -4.29
N LYS A 33 -26.00 16.07 -4.00
CA LYS A 33 -24.79 16.50 -3.33
C LYS A 33 -23.63 15.69 -3.89
N PRO A 34 -22.50 16.34 -4.19
CA PRO A 34 -21.39 15.61 -4.84
C PRO A 34 -20.83 14.53 -3.93
N LYS A 35 -20.68 13.33 -4.48
CA LYS A 35 -20.18 12.22 -3.70
C LYS A 35 -18.69 12.35 -3.46
N TYR A 36 -18.24 11.78 -2.35
CA TYR A 36 -16.81 11.58 -2.09
C TYR A 36 -16.70 10.28 -1.31
N TYR A 37 -15.92 9.33 -1.83
CA TYR A 37 -15.73 8.01 -1.24
C TYR A 37 -14.31 7.96 -0.68
N CYS A 38 -14.18 7.99 0.65
CA CYS A 38 -12.88 7.98 1.30
C CYS A 38 -12.77 6.66 2.06
N LEU A 39 -11.77 5.86 1.72
CA LEU A 39 -11.69 4.48 2.19
C LEU A 39 -10.33 4.23 2.82
N SER A 40 -10.33 3.78 4.07
CA SER A 40 -9.14 3.24 4.71
C SER A 40 -9.17 1.71 4.64
N MET A 41 -8.00 1.10 4.44
CA MET A 41 -7.95 -0.36 4.29
C MET A 41 -8.54 -1.04 5.51
N PHE A 42 -9.51 -1.92 5.29
CA PHE A 42 -10.23 -2.48 6.44
C PHE A 42 -9.36 -3.49 7.20
N PRO A 43 -9.53 -3.59 8.51
CA PRO A 43 -8.62 -4.38 9.35
C PRO A 43 -8.98 -5.86 9.45
N TYR A 44 -7.94 -6.65 9.72
CA TYR A 44 -8.19 -8.00 10.24
C TYR A 44 -8.71 -7.88 11.67
N PRO A 45 -9.81 -8.56 12.05
CA PRO A 45 -10.29 -8.47 13.46
C PRO A 45 -9.46 -9.33 14.40
N SER A 46 -8.27 -8.83 14.72
CA SER A 46 -7.26 -9.64 15.40
C SER A 46 -7.43 -9.66 16.92
N GLY A 47 -8.25 -8.77 17.48
CA GLY A 47 -8.43 -8.73 18.92
C GLY A 47 -8.64 -7.32 19.41
N LYS A 48 -7.63 -6.47 19.22
CA LYS A 48 -7.65 -5.08 19.67
C LYS A 48 -7.01 -4.21 18.61
N LEU A 49 -7.42 -2.95 18.56
CA LEU A 49 -6.73 -2.02 17.67
C LEU A 49 -5.27 -1.92 18.08
N HIS A 50 -4.39 -1.68 17.11
CA HIS A 50 -3.01 -1.28 17.42
C HIS A 50 -2.75 0.11 16.83
N MET A 51 -1.55 0.66 17.10
CA MET A 51 -1.28 2.03 16.71
C MET A 51 -1.30 2.22 15.19
N GLY A 52 -0.96 1.17 14.43
CA GLY A 52 -1.09 1.27 12.98
C GLY A 52 -2.52 1.56 12.56
N HIS A 53 -3.48 0.87 13.20
CA HIS A 53 -4.88 1.13 12.93
C HIS A 53 -5.23 2.58 13.24
N VAL A 54 -4.83 3.05 14.42
CA VAL A 54 -5.22 4.39 14.83
C VAL A 54 -4.67 5.42 13.84
N ARG A 55 -3.41 5.27 13.44
CA ARG A 55 -2.85 6.18 12.45
C ARG A 55 -3.63 6.15 11.15
N ASN A 56 -3.87 4.95 10.63
CA ASN A 56 -4.54 4.81 9.35
C ASN A 56 -5.93 5.44 9.38
N TYR A 57 -6.71 5.11 10.40
CA TYR A 57 -8.10 5.52 10.37
C TYR A 57 -8.26 6.97 10.80
N THR A 58 -7.31 7.52 11.56
CA THR A 58 -7.32 8.96 11.80
C THR A 58 -7.03 9.72 10.51
N ILE A 59 -6.05 9.29 9.72
CA ILE A 59 -5.80 9.92 8.44
C ILE A 59 -7.07 9.91 7.59
N GLY A 60 -7.69 8.73 7.47
CA GLY A 60 -8.91 8.63 6.70
C GLY A 60 -9.99 9.56 7.23
N ASP A 61 -10.07 9.68 8.55
CA ASP A 61 -11.12 10.51 9.13
C ASP A 61 -10.84 11.99 8.91
N VAL A 62 -9.57 12.40 8.94
CA VAL A 62 -9.23 13.79 8.67
C VAL A 62 -9.69 14.18 7.28
N LEU A 63 -9.35 13.36 6.29
CA LEU A 63 -9.73 13.67 4.92
C LEU A 63 -11.25 13.62 4.73
N SER A 64 -11.91 12.64 5.36
CA SER A 64 -13.37 12.53 5.23
C SER A 64 -14.05 13.75 5.83
N ARG A 65 -13.63 14.16 7.03
CA ARG A 65 -14.27 15.30 7.69
C ARG A 65 -13.98 16.60 6.96
N PHE A 66 -12.75 16.75 6.45
CA PHE A 66 -12.44 17.89 5.60
C PHE A 66 -13.41 17.96 4.42
N LYS A 67 -13.66 16.84 3.75
CA LYS A 67 -14.54 16.87 2.59
C LYS A 67 -15.98 17.11 3.01
N LEU A 68 -16.36 16.58 4.17
CA LEU A 68 -17.70 16.83 4.70
C LEU A 68 -17.93 18.33 4.90
N LEU A 69 -16.94 19.02 5.49
CA LEU A 69 -17.09 20.46 5.72
C LEU A 69 -17.09 21.26 4.43
N ASN A 70 -16.57 20.68 3.35
CA ASN A 70 -16.62 21.32 2.05
C ASN A 70 -17.85 20.93 1.25
N GLY A 71 -18.83 20.29 1.88
CA GLY A 71 -20.12 20.05 1.26
C GLY A 71 -20.23 18.78 0.45
N PHE A 72 -19.32 17.82 0.61
CA PHE A 72 -19.43 16.56 -0.12
C PHE A 72 -20.33 15.57 0.62
N ASN A 73 -20.95 14.68 -0.14
CA ASN A 73 -21.68 13.53 0.40
C ASN A 73 -20.66 12.41 0.61
N VAL A 74 -20.13 12.30 1.82
CA VAL A 74 -18.92 11.51 2.09
C VAL A 74 -19.31 10.13 2.58
N MET A 75 -18.88 9.09 1.86
CA MET A 75 -18.97 7.72 2.36
C MET A 75 -17.61 7.33 2.91
N GLN A 76 -17.56 7.00 4.21
CA GLN A 76 -16.37 6.46 4.86
C GLN A 76 -16.78 5.17 5.56
N PRO A 77 -16.70 4.04 4.87
CA PRO A 77 -17.18 2.78 5.43
C PRO A 77 -16.07 2.00 6.14
N MET A 78 -16.51 1.13 7.05
CA MET A 78 -15.59 0.23 7.72
C MET A 78 -16.21 -1.16 7.79
N GLY A 79 -15.34 -2.14 7.87
CA GLY A 79 -15.75 -3.53 7.92
C GLY A 79 -14.55 -4.36 8.31
N TRP A 80 -14.69 -5.67 8.19
CA TRP A 80 -13.75 -6.59 8.80
C TRP A 80 -13.28 -7.61 7.78
N ASP A 81 -11.98 -7.67 7.57
CA ASP A 81 -11.30 -8.62 6.68
C ASP A 81 -11.05 -9.88 7.51
N ALA A 82 -12.05 -10.75 7.57
CA ALA A 82 -12.18 -11.64 8.72
C ALA A 82 -11.61 -13.04 8.52
N PHE A 83 -11.40 -13.52 7.29
CA PHE A 83 -10.86 -14.87 7.14
C PHE A 83 -9.35 -14.84 7.29
N GLY A 84 -8.75 -16.01 7.49
CA GLY A 84 -7.31 -16.11 7.48
C GLY A 84 -6.79 -16.89 8.67
N MET A 85 -5.46 -16.98 8.73
CA MET A 85 -4.79 -17.86 9.70
C MET A 85 -4.84 -17.39 11.14
N PRO A 86 -4.81 -16.07 11.44
CA PRO A 86 -4.96 -15.62 12.83
C PRO A 86 -6.01 -16.38 13.63
N ALA A 87 -7.25 -16.43 13.14
CA ALA A 87 -8.30 -17.09 13.92
C ALA A 87 -8.11 -18.58 13.98
N GLU A 88 -7.57 -19.19 12.92
CA GLU A 88 -7.32 -20.62 12.95
C GLU A 88 -6.29 -20.97 14.02
N ASN A 89 -5.22 -20.17 14.14
CA ASN A 89 -4.22 -20.43 15.17
C ASN A 89 -4.77 -20.18 16.56
N ALA A 90 -5.44 -19.04 16.76
CA ALA A 90 -6.04 -18.75 18.06
C ALA A 90 -6.96 -19.88 18.49
N ALA A 91 -7.70 -20.44 17.54
CA ALA A 91 -8.52 -21.63 17.82
C ALA A 91 -7.66 -22.78 18.32
N MET A 92 -6.61 -23.12 17.57
CA MET A 92 -5.69 -24.17 17.99
C MET A 92 -5.12 -23.89 19.37
N LYS A 93 -4.80 -22.62 19.65
CA LYS A 93 -4.19 -22.29 20.93
C LYS A 93 -5.22 -22.30 22.05
N ASN A 94 -6.44 -21.84 21.79
CA ASN A 94 -7.42 -21.58 22.86
C ASN A 94 -8.64 -22.50 22.87
N ASN A 95 -8.75 -23.44 21.92
CA ASN A 95 -9.87 -24.40 21.88
C ASN A 95 -11.22 -23.71 21.68
N VAL A 96 -11.26 -22.70 20.81
CA VAL A 96 -12.48 -21.98 20.49
C VAL A 96 -12.67 -22.03 18.98
N ALA A 97 -13.91 -21.81 18.55
CA ALA A 97 -14.15 -21.77 17.11
C ALA A 97 -13.60 -20.47 16.52
N PRO A 98 -12.91 -20.54 15.36
CA PRO A 98 -12.48 -19.31 14.71
C PRO A 98 -13.60 -18.29 14.52
N ALA A 99 -14.82 -18.74 14.24
CA ALA A 99 -15.92 -17.80 14.05
C ALA A 99 -16.24 -17.07 15.36
N ALA A 100 -16.25 -17.81 16.47
CA ALA A 100 -16.58 -17.21 17.75
C ALA A 100 -15.52 -16.19 18.17
N TRP A 101 -14.25 -16.57 18.07
CA TRP A 101 -13.14 -15.65 18.30
C TRP A 101 -13.25 -14.42 17.42
N THR A 102 -13.54 -14.62 16.12
CA THR A 102 -13.65 -13.51 15.19
C THR A 102 -14.76 -12.54 15.58
N TYR A 103 -15.96 -13.05 15.86
CA TYR A 103 -17.06 -12.15 16.14
C TYR A 103 -16.86 -11.41 17.45
N ASP A 104 -16.26 -12.06 18.45
CA ASP A 104 -15.93 -11.34 19.67
C ASP A 104 -14.91 -10.24 19.42
N ASN A 105 -13.95 -10.48 18.54
CA ASN A 105 -12.95 -9.47 18.23
C ASN A 105 -13.60 -8.28 17.52
N ILE A 106 -14.52 -8.55 16.58
CA ILE A 106 -15.19 -7.49 15.83
C ILE A 106 -15.94 -6.58 16.78
N GLU A 107 -16.70 -7.17 17.70
CA GLU A 107 -17.47 -6.36 18.62
C GLU A 107 -16.58 -5.46 19.45
N TYR A 108 -15.45 -5.99 19.91
CA TYR A 108 -14.57 -5.19 20.74
C TYR A 108 -13.88 -4.10 19.93
N MET A 109 -13.31 -4.45 18.78
CA MET A 109 -12.63 -3.46 17.97
C MET A 109 -13.60 -2.40 17.44
N LYS A 110 -14.86 -2.78 17.18
CA LYS A 110 -15.84 -1.80 16.74
C LYS A 110 -16.07 -0.75 17.81
N THR A 111 -16.18 -1.18 19.07
CA THR A 111 -16.34 -0.24 20.16
C THR A 111 -15.15 0.71 20.23
N GLN A 112 -13.95 0.17 20.03
CA GLN A 112 -12.76 1.01 20.06
C GLN A 112 -12.79 2.06 18.96
N LEU A 113 -13.12 1.65 17.72
CA LEU A 113 -13.20 2.62 16.63
C LEU A 113 -14.24 3.70 16.93
N LYS A 114 -15.40 3.30 17.47
CA LYS A 114 -16.42 4.29 17.82
C LYS A 114 -15.90 5.24 18.89
N SER A 115 -15.13 4.73 19.85
CA SER A 115 -14.60 5.60 20.89
C SER A 115 -13.61 6.63 20.34
N LEU A 116 -12.99 6.36 19.20
CA LEU A 116 -12.10 7.32 18.58
C LEU A 116 -12.85 8.39 17.77
N GLY A 117 -14.15 8.22 17.58
CA GLY A 117 -14.95 9.25 16.94
C GLY A 117 -14.74 9.36 15.44
N PHE A 118 -14.41 8.24 14.79
CA PHE A 118 -14.34 8.24 13.32
C PHE A 118 -15.74 8.37 12.74
N ALA A 119 -15.87 9.21 11.70
CA ALA A 119 -17.16 9.52 11.06
C ALA A 119 -17.49 8.42 10.04
N VAL A 120 -17.84 7.26 10.56
CA VAL A 120 -17.92 6.04 9.76
C VAL A 120 -19.37 5.72 9.51
N ASP A 121 -19.70 5.27 8.29
CA ASP A 121 -21.08 4.85 8.03
C ASP A 121 -21.23 3.41 8.49
N TRP A 122 -21.61 3.23 9.76
CA TRP A 122 -21.69 1.88 10.32
C TRP A 122 -22.85 1.08 9.73
N GLU A 123 -23.81 1.72 9.08
CA GLU A 123 -24.83 0.96 8.36
C GLU A 123 -24.28 0.23 7.14
N ARG A 124 -23.06 0.54 6.71
CA ARG A 124 -22.43 -0.15 5.59
C ARG A 124 -21.46 -1.23 6.02
N GLU A 125 -21.42 -1.55 7.31
CA GLU A 125 -20.48 -2.53 7.84
C GLU A 125 -20.64 -3.88 7.14
N VAL A 126 -19.51 -4.48 6.78
CA VAL A 126 -19.52 -5.84 6.24
C VAL A 126 -18.54 -6.66 7.06
N ALA A 127 -18.78 -7.96 7.13
CA ALA A 127 -17.81 -8.89 7.71
C ALA A 127 -17.60 -9.97 6.68
N THR A 128 -16.37 -10.13 6.21
CA THR A 128 -16.17 -10.98 5.04
C THR A 128 -16.39 -12.45 5.33
N CYS A 129 -16.45 -12.86 6.59
CA CYS A 129 -16.67 -14.26 6.90
C CYS A 129 -18.14 -14.62 6.94
N LYS A 130 -19.05 -13.66 6.72
CA LYS A 130 -20.47 -13.98 6.69
C LYS A 130 -20.87 -14.48 5.30
N PRO A 131 -21.71 -15.53 5.23
CA PRO A 131 -22.16 -16.02 3.92
C PRO A 131 -22.79 -14.93 3.07
N GLU A 132 -23.42 -13.93 3.71
CA GLU A 132 -24.01 -12.82 2.98
C GLU A 132 -22.97 -12.02 2.22
N TYR A 133 -21.70 -12.07 2.65
CA TYR A 133 -20.61 -11.47 1.88
C TYR A 133 -20.01 -12.47 0.89
N TYR A 134 -19.50 -13.61 1.39
CA TYR A 134 -18.65 -14.42 0.52
C TYR A 134 -19.45 -15.21 -0.50
N ARG A 135 -20.78 -15.29 -0.38
CA ARG A 135 -21.55 -15.90 -1.46
C ARG A 135 -21.26 -15.21 -2.80
N TRP A 136 -20.93 -13.91 -2.78
CA TRP A 136 -20.79 -13.19 -4.04
C TRP A 136 -19.43 -13.42 -4.68
N GLU A 137 -18.40 -13.69 -3.90
CA GLU A 137 -17.15 -14.07 -4.55
C GLU A 137 -17.19 -15.53 -4.98
N GLN A 138 -17.96 -16.39 -4.30
CA GLN A 138 -18.22 -17.70 -4.88
C GLN A 138 -18.96 -17.58 -6.20
N TRP A 139 -19.95 -16.68 -6.25
CA TRP A 139 -20.70 -16.48 -7.49
C TRP A 139 -19.78 -16.06 -8.62
N LEU A 140 -18.91 -15.08 -8.37
CA LEU A 140 -17.99 -14.63 -9.41
C LEU A 140 -17.07 -15.75 -9.84
N PHE A 141 -16.52 -16.49 -8.86
CA PHE A 141 -15.70 -17.66 -9.14
C PHE A 141 -16.39 -18.59 -10.13
N THR A 142 -17.66 -18.94 -9.88
CA THR A 142 -18.32 -19.88 -10.77
C THR A 142 -18.48 -19.30 -12.17
N LYS A 143 -18.80 -18.01 -12.26
CA LYS A 143 -18.92 -17.37 -13.57
C LYS A 143 -17.59 -17.41 -14.32
N LEU A 144 -16.49 -17.09 -13.64
CA LEU A 144 -15.20 -17.10 -14.31
C LEU A 144 -14.70 -18.51 -14.56
N PHE A 145 -15.08 -19.47 -13.70
CA PHE A 145 -14.67 -20.85 -13.91
C PHE A 145 -15.25 -21.40 -15.20
N GLU A 146 -16.50 -21.05 -15.48
CA GLU A 146 -17.11 -21.55 -16.71
C GLU A 146 -16.49 -20.89 -17.94
N LYS A 147 -15.94 -19.68 -17.80
CA LYS A 147 -15.28 -18.98 -18.90
C LYS A 147 -13.81 -19.35 -19.05
N GLY A 148 -13.26 -20.15 -18.17
CA GLY A 148 -11.85 -20.47 -18.19
C GLY A 148 -10.94 -19.41 -17.59
N ILE A 149 -11.50 -18.31 -17.09
CA ILE A 149 -10.68 -17.30 -16.41
C ILE A 149 -10.24 -17.80 -15.04
N VAL A 150 -11.04 -18.63 -14.39
CA VAL A 150 -10.56 -19.46 -13.29
C VAL A 150 -10.40 -20.85 -13.86
N TYR A 151 -9.28 -21.51 -13.56
CA TYR A 151 -9.04 -22.86 -14.06
C TYR A 151 -8.31 -23.67 -13.00
N ARG A 152 -8.35 -24.98 -13.19
CA ARG A 152 -7.81 -25.93 -12.24
C ARG A 152 -6.65 -26.65 -12.92
N LYS A 153 -5.50 -26.68 -12.25
CA LYS A 153 -4.28 -27.22 -12.84
C LYS A 153 -3.39 -27.73 -11.71
N ASN A 154 -2.59 -28.75 -11.98
CA ASN A 154 -1.63 -29.20 -10.97
C ASN A 154 -0.55 -28.15 -10.76
N GLY A 155 -0.20 -27.90 -9.48
CA GLY A 155 0.89 -27.03 -9.12
C GLY A 155 1.73 -27.66 -8.02
N THR A 156 2.90 -27.06 -7.77
CA THR A 156 3.82 -27.56 -6.76
C THR A 156 3.70 -26.72 -5.50
N VAL A 157 3.51 -27.37 -4.35
CA VAL A 157 3.44 -26.69 -3.06
C VAL A 157 4.54 -27.22 -2.15
N ASN A 158 4.79 -26.47 -1.07
CA ASN A 158 5.68 -26.90 0.01
C ASN A 158 4.83 -27.55 1.10
N TRP A 159 5.00 -28.85 1.26
CA TRP A 159 4.23 -29.61 2.24
C TRP A 159 5.08 -29.84 3.48
N ASP A 160 4.54 -29.48 4.65
CA ASP A 160 5.22 -29.74 5.92
C ASP A 160 4.64 -31.00 6.53
N PRO A 161 5.37 -32.12 6.54
CA PRO A 161 4.78 -33.39 7.01
C PRO A 161 4.58 -33.45 8.52
N VAL A 162 5.23 -32.61 9.30
CA VAL A 162 5.00 -32.65 10.75
C VAL A 162 3.77 -31.85 11.10
N ASP A 163 3.69 -30.61 10.63
CA ASP A 163 2.50 -29.81 10.89
C ASP A 163 1.33 -30.18 10.00
N GLN A 164 1.54 -31.02 8.99
CA GLN A 164 0.49 -31.41 8.06
C GLN A 164 -0.20 -30.18 7.47
N THR A 165 0.60 -29.36 6.81
CA THR A 165 0.04 -28.14 6.23
C THR A 165 0.95 -27.65 5.11
N VAL A 166 0.36 -26.87 4.22
CA VAL A 166 1.09 -26.29 3.11
C VAL A 166 1.69 -24.97 3.56
N LEU A 167 2.93 -24.70 3.15
CA LEU A 167 3.66 -23.52 3.57
C LEU A 167 4.04 -22.67 2.38
N ALA A 168 3.95 -21.35 2.54
CA ALA A 168 4.50 -20.46 1.53
C ALA A 168 6.03 -20.47 1.60
N ASN A 169 6.66 -20.02 0.51
CA ASN A 169 8.12 -19.94 0.49
C ASN A 169 8.65 -19.12 1.64
N GLU A 170 7.90 -18.07 2.02
CA GLU A 170 8.31 -17.21 3.12
C GLU A 170 8.33 -17.95 4.45
N GLN A 171 7.61 -19.07 4.54
CA GLN A 171 7.52 -19.85 5.76
C GLN A 171 8.46 -21.06 5.76
N VAL A 172 9.38 -21.11 4.82
CA VAL A 172 10.38 -22.18 4.71
C VAL A 172 11.75 -21.57 4.99
N ILE A 173 12.44 -22.10 6.00
CA ILE A 173 13.75 -21.62 6.42
C ILE A 173 14.74 -22.75 6.21
N ASP A 174 15.68 -22.55 5.30
CA ASP A 174 16.71 -23.56 4.97
C ASP A 174 16.07 -24.92 4.64
N GLY A 175 15.00 -24.90 3.86
CA GLY A 175 14.33 -26.12 3.47
C GLY A 175 13.44 -26.74 4.53
N ARG A 176 13.25 -26.07 5.67
CA ARG A 176 12.49 -26.63 6.77
C ARG A 176 11.33 -25.71 7.13
N GLY A 177 10.25 -26.30 7.64
CA GLY A 177 9.13 -25.48 8.09
C GLY A 177 9.53 -24.59 9.25
N TRP A 178 9.04 -23.35 9.23
CA TRP A 178 9.49 -22.36 10.21
C TRP A 178 9.12 -22.76 11.64
N ARG A 179 7.98 -23.42 11.82
CA ARG A 179 7.56 -23.83 13.16
C ARG A 179 7.98 -25.27 13.48
N SER A 180 7.73 -26.21 12.57
CA SER A 180 8.04 -27.60 12.86
C SER A 180 9.53 -27.87 12.84
N GLY A 181 10.27 -27.16 11.99
CA GLY A 181 11.66 -27.49 11.73
C GLY A 181 11.86 -28.72 10.88
N ALA A 182 10.80 -29.31 10.34
CA ALA A 182 10.89 -30.50 9.52
C ALA A 182 11.18 -30.12 8.08
N LEU A 183 11.93 -30.98 7.37
CA LEU A 183 12.14 -30.78 5.95
C LEU A 183 10.81 -30.76 5.22
N ILE A 184 10.59 -29.73 4.40
CA ILE A 184 9.38 -29.71 3.60
C ILE A 184 9.56 -30.62 2.38
N GLU A 185 8.44 -31.03 1.81
CA GLU A 185 8.42 -31.90 0.63
C GLU A 185 7.74 -31.16 -0.50
N LYS A 186 8.36 -31.19 -1.68
CA LYS A 186 7.70 -30.62 -2.85
C LYS A 186 6.65 -31.62 -3.33
N ARG A 187 5.41 -31.18 -3.40
CA ARG A 187 4.28 -32.02 -3.80
C ARG A 187 3.50 -31.35 -4.92
N GLU A 188 3.12 -32.14 -5.92
CA GLU A 188 2.26 -31.68 -6.99
C GLU A 188 0.80 -31.92 -6.62
N ILE A 189 -0.02 -30.86 -6.60
CA ILE A 189 -1.44 -31.01 -6.27
C ILE A 189 -2.27 -30.13 -7.19
N PRO A 190 -3.50 -30.57 -7.48
CA PRO A 190 -4.39 -29.73 -8.29
C PRO A 190 -4.79 -28.48 -7.52
N MET A 191 -4.73 -27.34 -8.18
CA MET A 191 -5.08 -26.08 -7.55
C MET A 191 -5.82 -25.21 -8.55
N TYR A 192 -6.46 -24.17 -8.02
CA TYR A 192 -7.23 -23.24 -8.83
C TYR A 192 -6.44 -21.95 -9.02
N TYR A 193 -6.57 -21.37 -10.21
CA TYR A 193 -5.83 -20.18 -10.61
C TYR A 193 -6.76 -19.19 -11.27
N PHE A 194 -6.57 -17.90 -10.96
CA PHE A 194 -7.09 -16.84 -11.79
C PHE A 194 -6.11 -16.58 -12.92
N LYS A 195 -6.63 -16.48 -14.13
CA LYS A 195 -5.81 -16.18 -15.32
C LYS A 195 -5.57 -14.67 -15.43
N ILE A 196 -4.88 -14.14 -14.41
CA ILE A 196 -4.60 -12.71 -14.37
C ILE A 196 -3.66 -12.27 -15.50
N THR A 197 -2.88 -13.20 -16.05
CA THR A 197 -2.02 -12.87 -17.19
C THR A 197 -2.83 -12.46 -18.42
N ASP A 198 -4.08 -12.91 -18.56
CA ASP A 198 -4.92 -12.42 -19.64
C ASP A 198 -5.17 -10.93 -19.55
N TYR A 199 -5.05 -10.36 -18.35
CA TYR A 199 -5.25 -8.95 -18.11
C TYR A 199 -3.94 -8.18 -17.91
N ALA A 200 -2.79 -8.81 -18.19
CA ALA A 200 -1.50 -8.20 -17.89
C ALA A 200 -1.34 -6.85 -18.59
N GLU A 201 -1.69 -6.79 -19.89
CA GLU A 201 -1.48 -5.55 -20.64
C GLU A 201 -2.38 -4.45 -20.13
N GLU A 202 -3.63 -4.77 -19.83
CA GLU A 202 -4.55 -3.77 -19.30
C GLU A 202 -4.10 -3.28 -17.93
N LEU A 203 -3.68 -4.20 -17.06
CA LEU A 203 -3.21 -3.80 -15.74
C LEU A 203 -1.95 -2.95 -15.82
N LEU A 204 -1.11 -3.21 -16.83
CA LEU A 204 0.10 -2.42 -17.00
C LEU A 204 -0.24 -1.04 -17.55
N ASN A 205 -0.98 -1.00 -18.67
CA ASN A 205 -1.20 0.27 -19.35
C ASN A 205 -2.10 1.19 -18.55
N ASP A 206 -3.09 0.65 -17.83
CA ASP A 206 -4.02 1.50 -17.10
C ASP A 206 -3.36 2.22 -15.93
N LEU A 207 -2.19 1.78 -15.50
CA LEU A 207 -1.42 2.53 -14.50
C LEU A 207 -1.17 3.97 -14.94
N ASP A 208 -0.98 4.20 -16.25
CA ASP A 208 -0.76 5.55 -16.73
C ASP A 208 -1.93 6.50 -16.45
N LYS A 209 -3.14 5.97 -16.24
CA LYS A 209 -4.27 6.83 -15.90
C LYS A 209 -4.19 7.39 -14.49
N LEU A 210 -3.34 6.82 -13.65
CA LEU A 210 -3.41 7.07 -12.19
C LEU A 210 -2.46 8.20 -11.82
N GLU A 211 -2.84 9.42 -12.24
CA GLU A 211 -2.01 10.59 -12.02
C GLU A 211 -1.93 10.97 -10.54
N HIS A 212 -2.83 10.45 -9.71
CA HIS A 212 -2.80 10.75 -8.28
C HIS A 212 -2.34 9.56 -7.46
N TRP A 213 -1.61 8.65 -8.07
CA TRP A 213 -0.91 7.63 -7.32
C TRP A 213 0.56 8.03 -7.16
N PRO A 214 1.19 7.65 -6.05
CA PRO A 214 2.62 7.86 -5.91
C PRO A 214 3.36 7.13 -7.02
N GLU A 215 4.37 7.79 -7.58
CA GLU A 215 5.04 7.14 -8.71
C GLU A 215 5.75 5.86 -8.29
N GLN A 216 6.13 5.72 -7.01
CA GLN A 216 6.82 4.48 -6.63
C GLN A 216 5.87 3.29 -6.59
N VAL A 217 4.61 3.50 -6.22
CA VAL A 217 3.66 2.39 -6.25
C VAL A 217 3.45 1.92 -7.69
N LYS A 218 3.32 2.88 -8.61
CA LYS A 218 3.13 2.50 -10.00
C LYS A 218 4.37 1.81 -10.54
N THR A 219 5.58 2.29 -10.18
CA THR A 219 6.80 1.61 -10.61
C THR A 219 6.86 0.18 -10.09
N MET A 220 6.46 -0.04 -8.83
CA MET A 220 6.49 -1.39 -8.30
C MET A 220 5.51 -2.29 -9.04
N GLN A 221 4.33 -1.76 -9.38
CA GLN A 221 3.38 -2.59 -10.13
C GLN A 221 3.90 -2.90 -11.52
N ARG A 222 4.50 -1.91 -12.19
CA ARG A 222 5.03 -2.15 -13.52
C ARG A 222 6.11 -3.22 -13.49
N ASN A 223 7.01 -3.13 -12.51
CA ASN A 223 8.08 -4.11 -12.41
C ASN A 223 7.52 -5.48 -12.07
N TRP A 224 6.46 -5.52 -11.25
CA TRP A 224 5.87 -6.81 -10.89
C TRP A 224 5.26 -7.49 -12.11
N ILE A 225 4.47 -6.73 -12.87
CA ILE A 225 3.91 -7.24 -14.13
C ILE A 225 5.04 -7.64 -15.07
N GLY A 226 6.05 -6.77 -15.20
CA GLY A 226 7.29 -7.14 -15.84
C GLY A 226 7.15 -7.44 -17.32
N LYS A 227 6.51 -6.56 -18.06
CA LYS A 227 6.41 -6.76 -19.51
C LYS A 227 7.76 -6.48 -20.14
N SER A 228 8.15 -7.32 -21.09
CA SER A 228 9.34 -7.00 -21.87
C SER A 228 9.07 -7.28 -23.34
N ARG A 229 9.75 -6.55 -24.19
CA ARG A 229 9.70 -6.75 -25.63
C ARG A 229 11.06 -7.30 -26.03
N GLY A 230 11.09 -8.54 -26.46
CA GLY A 230 12.36 -9.17 -26.67
C GLY A 230 12.34 -9.98 -27.93
N MET A 231 13.13 -11.04 -27.91
CA MET A 231 13.42 -11.82 -29.09
C MET A 231 13.55 -13.27 -28.68
N THR A 232 12.79 -14.14 -29.33
CA THR A 232 13.03 -15.56 -29.23
C THR A 232 14.20 -15.90 -30.16
N VAL A 233 15.20 -16.61 -29.64
CA VAL A 233 16.38 -16.97 -30.42
C VAL A 233 16.61 -18.47 -30.28
N ARG A 234 16.84 -19.15 -31.40
CA ARG A 234 17.06 -20.59 -31.42
C ARG A 234 18.50 -20.87 -31.81
N PHE A 235 19.26 -21.47 -30.89
CA PHE A 235 20.64 -21.90 -31.13
C PHE A 235 20.61 -23.39 -31.47
N ALA A 236 21.11 -23.74 -32.66
CA ALA A 236 21.18 -25.14 -33.04
C ALA A 236 22.08 -25.91 -32.07
N VAL A 237 21.59 -27.07 -31.62
CA VAL A 237 22.38 -27.96 -30.78
C VAL A 237 23.51 -28.55 -31.61
N SER A 238 24.74 -28.38 -31.15
CA SER A 238 25.91 -28.89 -31.85
C SER A 238 25.80 -30.40 -32.07
N ASP A 239 26.38 -30.86 -33.19
CA ASP A 239 26.18 -32.26 -33.58
C ASP A 239 26.71 -33.23 -32.54
N ASP A 240 27.69 -32.82 -31.74
CA ASP A 240 28.28 -33.67 -30.70
C ASP A 240 27.51 -33.62 -29.39
N SER A 241 26.40 -32.87 -29.31
CA SER A 241 25.75 -32.58 -28.05
C SER A 241 24.30 -33.06 -28.00
N LYS A 242 23.92 -34.04 -28.81
CA LYS A 242 22.51 -34.40 -28.97
C LYS A 242 22.10 -35.66 -28.22
N GLN A 243 23.01 -36.38 -27.55
CA GLN A 243 22.64 -37.62 -26.90
C GLN A 243 21.56 -37.39 -25.86
N GLY A 244 20.54 -38.24 -25.87
CA GLY A 244 19.48 -38.18 -24.88
C GLY A 244 18.39 -37.16 -25.14
N LEU A 245 18.40 -36.48 -26.28
CA LEU A 245 17.47 -35.41 -26.58
C LEU A 245 16.45 -35.87 -27.61
N GLU A 246 15.20 -35.44 -27.43
CA GLU A 246 14.11 -35.82 -28.31
C GLU A 246 13.44 -34.58 -28.89
N GLY A 247 12.84 -34.74 -30.06
CA GLY A 247 12.07 -33.67 -30.66
C GLY A 247 12.91 -32.44 -30.97
N ASP A 248 12.27 -31.28 -30.83
CA ASP A 248 12.96 -30.02 -31.10
C ASP A 248 14.07 -29.76 -30.10
N TYR A 249 14.07 -30.42 -28.95
CA TYR A 249 15.15 -30.22 -27.99
C TYR A 249 16.45 -30.84 -28.51
N ALA A 250 16.37 -31.82 -29.41
CA ALA A 250 17.56 -32.33 -30.08
C ALA A 250 18.02 -31.41 -31.20
N LYS A 251 17.17 -30.50 -31.67
CA LYS A 251 17.50 -29.66 -32.81
C LYS A 251 18.03 -28.29 -32.39
N PHE A 252 17.40 -27.65 -31.42
CA PHE A 252 17.83 -26.33 -31.03
C PHE A 252 17.54 -26.09 -29.56
N LEU A 253 18.23 -25.10 -29.02
CA LEU A 253 17.94 -24.55 -27.71
C LEU A 253 17.32 -23.19 -27.94
N GLN A 254 16.06 -23.05 -27.56
CA GLN A 254 15.35 -21.79 -27.73
C GLN A 254 15.49 -20.96 -26.46
N VAL A 255 15.87 -19.70 -26.62
CA VAL A 255 15.99 -18.79 -25.50
C VAL A 255 15.13 -17.56 -25.79
N TYR A 256 14.89 -16.80 -24.74
CA TYR A 256 14.29 -15.47 -24.85
C TYR A 256 15.28 -14.47 -24.32
N THR A 257 15.49 -13.38 -25.06
CA THR A 257 16.36 -12.31 -24.59
C THR A 257 15.72 -10.95 -24.82
N THR A 258 15.93 -10.02 -23.88
CA THR A 258 15.53 -8.65 -24.09
C THR A 258 16.60 -7.81 -24.76
N ARG A 259 17.76 -8.38 -25.04
CA ARG A 259 18.90 -7.64 -25.62
C ARG A 259 19.42 -8.36 -26.85
N PRO A 260 18.58 -8.57 -27.87
CA PRO A 260 19.10 -9.18 -29.11
C PRO A 260 20.12 -8.31 -29.80
N ASP A 261 20.20 -7.02 -29.45
CA ASP A 261 21.25 -6.16 -29.99
C ASP A 261 22.65 -6.60 -29.55
N THR A 262 22.74 -7.41 -28.49
CA THR A 262 24.03 -7.88 -27.99
C THR A 262 24.27 -9.35 -28.30
N LEU A 263 23.49 -9.94 -29.20
CA LEU A 263 23.63 -11.36 -29.49
C LEU A 263 25.05 -11.71 -29.98
N MET A 264 25.74 -10.75 -30.60
CA MET A 264 27.10 -11.04 -31.06
C MET A 264 28.07 -11.18 -29.91
N GLY A 265 27.72 -10.72 -28.72
CA GLY A 265 28.54 -10.83 -27.53
C GLY A 265 28.14 -11.91 -26.55
N ALA A 266 27.25 -12.83 -26.93
CA ALA A 266 26.95 -13.96 -26.06
C ALA A 266 28.17 -14.85 -25.96
N THR A 267 28.50 -15.27 -24.74
CA THR A 267 29.65 -16.13 -24.55
C THR A 267 29.31 -17.47 -23.91
N TYR A 268 28.07 -17.70 -23.49
CA TYR A 268 27.56 -18.99 -23.04
C TYR A 268 26.05 -18.83 -22.92
N VAL A 269 25.36 -19.98 -22.74
CA VAL A 269 23.92 -19.98 -22.52
C VAL A 269 23.65 -20.76 -21.24
N ALA A 270 22.47 -20.54 -20.67
CA ALA A 270 22.13 -21.18 -19.40
C ALA A 270 20.70 -21.68 -19.42
N VAL A 271 20.48 -22.83 -18.80
CA VAL A 271 19.16 -23.46 -18.79
C VAL A 271 18.74 -23.72 -17.35
N ALA A 272 17.43 -23.82 -17.17
CA ALA A 272 16.86 -24.23 -15.89
C ALA A 272 17.26 -25.66 -15.57
N ALA A 273 17.18 -25.98 -14.27
CA ALA A 273 17.44 -27.34 -13.81
C ALA A 273 16.53 -28.37 -14.47
N GLU A 274 15.30 -27.99 -14.81
CA GLU A 274 14.32 -28.92 -15.39
C GLU A 274 14.40 -29.00 -16.92
N HIS A 275 15.23 -28.18 -17.54
CA HIS A 275 15.31 -28.16 -19.00
C HIS A 275 15.81 -29.51 -19.52
N PRO A 276 15.30 -29.98 -20.66
CA PRO A 276 15.76 -31.28 -21.18
C PRO A 276 17.25 -31.35 -21.43
N LEU A 277 17.91 -30.24 -21.79
CA LEU A 277 19.37 -30.28 -21.93
C LEU A 277 20.03 -30.57 -20.59
N ALA A 278 19.50 -30.00 -19.50
CA ALA A 278 20.03 -30.30 -18.18
C ALA A 278 19.86 -31.78 -17.86
N THR A 279 18.66 -32.31 -18.11
CA THR A 279 18.38 -33.72 -17.82
C THR A 279 19.30 -34.63 -18.61
N ALA A 280 19.45 -34.35 -19.91
CA ALA A 280 20.31 -35.20 -20.75
C ALA A 280 21.77 -35.12 -20.32
N ALA A 281 22.27 -33.90 -20.06
CA ALA A 281 23.65 -33.77 -19.62
C ALA A 281 23.89 -34.47 -18.28
N ALA A 282 22.90 -34.42 -17.39
CA ALA A 282 23.07 -34.91 -16.03
C ALA A 282 23.02 -36.43 -15.92
N ALA A 283 22.64 -37.12 -17.00
CA ALA A 283 22.32 -38.54 -16.90
C ALA A 283 23.49 -39.36 -16.41
N ASP A 284 24.71 -38.97 -16.75
CA ASP A 284 25.91 -39.69 -16.33
C ASP A 284 26.82 -38.86 -15.41
N LYS A 285 26.34 -37.75 -14.87
CA LYS A 285 27.19 -36.79 -14.15
C LYS A 285 26.61 -36.46 -12.78
N PRO A 286 27.10 -37.11 -11.72
CA PRO A 286 26.52 -36.90 -10.37
C PRO A 286 26.53 -35.46 -9.89
N GLU A 287 27.58 -34.70 -10.19
CA GLU A 287 27.60 -33.29 -9.80
C GLU A 287 26.42 -32.53 -10.41
N LEU A 288 26.09 -32.82 -11.67
CA LEU A 288 24.94 -32.17 -12.28
C LEU A 288 23.63 -32.66 -11.65
N GLN A 289 23.51 -33.96 -11.40
CA GLN A 289 22.31 -34.45 -10.71
C GLN A 289 22.16 -33.77 -9.37
N ALA A 290 23.25 -33.61 -8.63
CA ALA A 290 23.18 -32.95 -7.34
C ALA A 290 22.80 -31.48 -7.49
N PHE A 291 23.34 -30.80 -8.50
CA PHE A 291 22.97 -29.42 -8.72
C PHE A 291 21.50 -29.29 -9.06
N ILE A 292 21.00 -30.16 -9.93
CA ILE A 292 19.59 -30.10 -10.31
C ILE A 292 18.69 -30.35 -9.11
N ALA A 293 19.03 -31.36 -8.29
CA ALA A 293 18.22 -31.65 -7.11
C ALA A 293 18.18 -30.45 -6.15
N GLU A 294 19.32 -29.78 -5.97
CA GLU A 294 19.37 -28.60 -5.10
C GLU A 294 18.47 -27.50 -5.64
N CYS A 295 18.49 -27.27 -6.95
CA CYS A 295 17.64 -26.24 -7.55
C CYS A 295 16.17 -26.55 -7.34
N LYS A 296 15.78 -27.81 -7.56
CA LYS A 296 14.38 -28.17 -7.41
C LYS A 296 13.91 -28.10 -5.95
N ALA A 297 14.82 -28.30 -5.00
CA ALA A 297 14.44 -28.27 -3.60
C ALA A 297 14.43 -26.87 -3.00
N GLY A 298 14.91 -25.84 -3.71
CA GLY A 298 14.89 -24.50 -3.14
C GLY A 298 13.48 -23.95 -2.99
N SER A 299 13.31 -23.09 -1.97
CA SER A 299 12.05 -22.39 -1.72
C SER A 299 12.28 -20.89 -1.51
N VAL A 300 12.93 -20.24 -2.46
CA VAL A 300 13.26 -18.82 -2.30
C VAL A 300 12.05 -17.97 -2.65
N ALA A 301 11.69 -17.07 -1.74
CA ALA A 301 10.57 -16.16 -1.94
C ALA A 301 10.89 -15.13 -3.03
N GLU A 302 9.84 -14.65 -3.70
CA GLU A 302 10.06 -13.74 -4.82
C GLU A 302 10.81 -12.48 -4.38
N ALA A 303 10.45 -11.93 -3.22
CA ALA A 303 11.15 -10.76 -2.69
C ALA A 303 12.64 -11.01 -2.51
N ASP A 304 13.06 -12.28 -2.41
CA ASP A 304 14.44 -12.64 -2.18
C ASP A 304 15.15 -13.17 -3.40
N MET A 305 14.44 -13.33 -4.53
CA MET A 305 15.02 -14.05 -5.67
C MET A 305 16.26 -13.36 -6.21
N ALA A 306 16.24 -12.03 -6.32
CA ALA A 306 17.39 -11.33 -6.88
C ALA A 306 18.59 -11.39 -5.95
N THR A 307 18.37 -11.55 -4.64
CA THR A 307 19.44 -11.53 -3.67
C THR A 307 20.16 -12.87 -3.55
N MET A 308 19.57 -13.96 -4.00
CA MET A 308 20.24 -15.24 -3.83
C MET A 308 21.49 -15.32 -4.69
N GLU A 309 22.49 -16.00 -4.15
CA GLU A 309 23.74 -16.20 -4.88
C GLU A 309 23.50 -16.97 -6.18
N LYS A 310 23.98 -16.42 -7.30
CA LYS A 310 23.80 -17.09 -8.58
C LYS A 310 24.91 -18.11 -8.81
N LYS A 311 24.52 -19.33 -9.19
CA LYS A 311 25.43 -20.45 -9.30
C LYS A 311 25.08 -21.25 -10.55
N GLY A 312 26.08 -21.97 -11.06
CA GLY A 312 25.84 -22.80 -12.23
C GLY A 312 26.88 -23.89 -12.34
N VAL A 313 26.60 -24.83 -13.24
CA VAL A 313 27.54 -25.91 -13.57
C VAL A 313 27.61 -26.07 -15.08
N PRO A 314 28.78 -26.30 -15.64
CA PRO A 314 28.88 -26.56 -17.08
C PRO A 314 28.34 -27.94 -17.41
N THR A 315 27.81 -28.09 -18.64
CA THR A 315 27.22 -29.36 -19.06
C THR A 315 28.07 -30.15 -20.04
N GLY A 316 29.10 -29.55 -20.63
CA GLY A 316 29.77 -30.20 -21.74
C GLY A 316 28.97 -30.29 -23.01
N ARG A 317 27.79 -29.66 -23.06
CA ARG A 317 26.98 -29.58 -24.28
C ARG A 317 27.11 -28.19 -24.89
N TYR A 318 27.04 -28.14 -26.23
CA TYR A 318 27.28 -26.92 -26.98
C TYR A 318 26.14 -26.62 -27.95
N VAL A 319 25.88 -25.32 -28.11
CA VAL A 319 24.94 -24.81 -29.11
C VAL A 319 25.67 -23.76 -29.96
N VAL A 320 25.04 -23.41 -31.08
CA VAL A 320 25.67 -22.55 -32.09
C VAL A 320 24.89 -21.24 -32.18
N ASN A 321 25.61 -20.12 -32.08
CA ASN A 321 25.01 -18.79 -32.23
C ASN A 321 24.55 -18.59 -33.67
N PRO A 322 23.26 -18.36 -33.94
CA PRO A 322 22.80 -18.27 -35.33
C PRO A 322 23.36 -17.07 -36.10
N LEU A 323 23.95 -16.08 -35.43
CA LEU A 323 24.49 -14.93 -36.15
C LEU A 323 25.98 -15.10 -36.49
N ASN A 324 26.82 -15.39 -35.49
CA ASN A 324 28.26 -15.37 -35.72
C ASN A 324 28.88 -16.76 -35.80
N GLY A 325 28.07 -17.81 -35.66
CA GLY A 325 28.55 -19.18 -35.73
C GLY A 325 29.34 -19.68 -34.54
N ASP A 326 29.42 -18.93 -33.44
CA ASP A 326 30.20 -19.35 -32.28
C ASP A 326 29.58 -20.60 -31.64
N LYS A 327 30.43 -21.52 -31.21
CA LYS A 327 29.98 -22.63 -30.38
C LYS A 327 30.00 -22.17 -28.93
N LEU A 328 28.87 -22.27 -28.26
CA LEU A 328 28.73 -21.81 -26.89
C LEU A 328 28.37 -22.97 -25.97
N GLU A 329 29.01 -23.01 -24.79
CA GLU A 329 28.69 -24.07 -23.84
C GLU A 329 27.40 -23.78 -23.11
N VAL A 330 26.60 -24.83 -22.88
CA VAL A 330 25.39 -24.75 -22.06
C VAL A 330 25.75 -24.96 -20.60
N TRP A 331 25.32 -24.04 -19.75
CA TRP A 331 25.40 -24.16 -18.30
C TRP A 331 23.99 -24.40 -17.73
N ILE A 332 23.91 -25.15 -16.63
CA ILE A 332 22.72 -25.14 -15.79
C ILE A 332 22.93 -24.08 -14.73
N ALA A 333 21.94 -23.20 -14.54
CA ALA A 333 22.07 -22.10 -13.59
C ALA A 333 20.85 -22.08 -12.67
N ASN A 334 21.08 -21.67 -11.42
CA ASN A 334 19.98 -21.64 -10.47
C ASN A 334 19.05 -20.44 -10.65
N TYR A 335 19.43 -19.44 -11.46
CA TYR A 335 18.60 -18.26 -11.62
C TYR A 335 17.69 -18.35 -12.84
N VAL A 336 17.78 -19.42 -13.62
CA VAL A 336 16.90 -19.66 -14.76
C VAL A 336 15.77 -20.55 -14.30
N LEU A 337 14.55 -20.07 -14.43
CA LEU A 337 13.38 -20.68 -13.81
C LEU A 337 12.54 -21.35 -14.88
N TRP A 338 12.33 -22.65 -14.73
CA TRP A 338 11.44 -23.37 -15.62
C TRP A 338 10.03 -22.78 -15.51
N GLY A 339 9.39 -22.54 -16.65
CA GLY A 339 8.10 -21.90 -16.65
C GLY A 339 8.14 -20.41 -16.92
N TYR A 340 9.32 -19.79 -16.87
CA TYR A 340 9.52 -18.43 -17.38
C TYR A 340 10.12 -18.53 -18.77
N GLY A 341 9.42 -18.00 -19.77
CA GLY A 341 9.89 -18.14 -21.14
C GLY A 341 10.12 -19.59 -21.50
N ASP A 342 11.27 -19.85 -22.12
CA ASP A 342 11.66 -21.20 -22.51
C ASP A 342 12.46 -21.92 -21.44
N GLY A 343 12.62 -21.31 -20.25
CA GLY A 343 13.54 -21.87 -19.26
C GLY A 343 14.98 -21.94 -19.73
N ALA A 344 15.39 -20.98 -20.57
CA ALA A 344 16.75 -20.91 -21.08
C ALA A 344 17.03 -19.47 -21.49
N VAL A 345 18.26 -19.03 -21.27
CA VAL A 345 18.68 -17.66 -21.56
C VAL A 345 20.06 -17.71 -22.20
N MET A 346 20.39 -16.64 -22.91
CA MET A 346 21.77 -16.41 -23.32
C MET A 346 22.42 -15.46 -22.33
N ALA A 347 23.74 -15.42 -22.33
CA ALA A 347 24.48 -14.57 -21.41
C ALA A 347 25.44 -13.68 -22.18
N VAL A 348 25.38 -12.38 -21.89
CA VAL A 348 26.28 -11.37 -22.46
C VAL A 348 26.96 -10.67 -21.28
N PRO A 349 28.05 -11.22 -20.74
CA PRO A 349 28.63 -10.67 -19.51
C PRO A 349 29.14 -9.25 -19.64
N ALA A 350 29.49 -8.80 -20.85
CA ALA A 350 29.97 -7.43 -21.00
C ALA A 350 28.89 -6.39 -20.82
N HIS A 351 27.60 -6.77 -20.87
CA HIS A 351 26.57 -5.75 -20.92
C HIS A 351 25.35 -6.08 -20.06
N ASP A 352 25.44 -7.07 -19.20
CA ASP A 352 24.37 -7.37 -18.26
C ASP A 352 25.06 -7.66 -16.93
N GLU A 353 24.66 -6.95 -15.87
CA GLU A 353 25.48 -7.00 -14.66
C GLU A 353 25.43 -8.37 -14.01
N ARG A 354 24.28 -9.04 -14.03
CA ARG A 354 24.22 -10.40 -13.50
C ARG A 354 25.13 -11.34 -14.29
N ASP A 355 25.13 -11.23 -15.62
CA ASP A 355 26.04 -12.05 -16.42
C ASP A 355 27.48 -11.68 -16.15
N PHE A 356 27.76 -10.40 -15.90
CA PHE A 356 29.13 -9.99 -15.59
C PHE A 356 29.65 -10.71 -14.34
N GLU A 357 28.86 -10.69 -13.25
CA GLU A 357 29.29 -11.32 -12.01
C GLU A 357 29.36 -12.85 -12.13
N PHE A 358 28.42 -13.43 -12.87
CA PHE A 358 28.47 -14.87 -13.11
C PHE A 358 29.74 -15.24 -13.87
N ALA A 359 30.02 -14.52 -14.96
CA ALA A 359 31.22 -14.79 -15.74
C ALA A 359 32.49 -14.49 -14.94
N ALA A 360 32.49 -13.44 -14.14
CA ALA A 360 33.65 -13.12 -13.31
C ALA A 360 33.93 -14.26 -12.33
N LYS A 361 32.88 -14.87 -11.82
CA LYS A 361 33.02 -15.96 -10.83
C LYS A 361 33.62 -17.21 -11.46
N TYR A 362 33.18 -17.54 -12.68
CA TYR A 362 33.59 -18.75 -13.35
C TYR A 362 34.65 -18.52 -14.43
N ASN A 363 35.17 -17.30 -14.53
CA ASN A 363 36.17 -16.94 -15.54
C ASN A 363 35.67 -17.24 -16.95
N LEU A 364 34.39 -16.94 -17.19
CA LEU A 364 33.84 -17.08 -18.53
C LEU A 364 34.16 -15.83 -19.36
N PRO A 365 34.17 -15.93 -20.69
CA PRO A 365 34.55 -14.78 -21.51
C PRO A 365 33.57 -13.62 -21.37
N LYS A 366 34.11 -12.40 -21.49
CA LYS A 366 33.30 -11.19 -21.63
C LYS A 366 33.69 -10.49 -22.92
N LYS A 367 32.73 -10.29 -23.82
CA LYS A 367 32.97 -9.72 -25.13
C LYS A 367 32.20 -8.41 -25.26
N GLN A 368 32.93 -7.30 -25.40
CA GLN A 368 32.29 -6.01 -25.61
C GLN A 368 31.67 -5.95 -27.01
N VAL A 369 30.39 -5.60 -27.08
CA VAL A 369 29.72 -5.33 -28.34
C VAL A 369 28.94 -4.02 -28.32
N ILE A 370 28.99 -3.25 -27.24
CA ILE A 370 28.36 -1.93 -27.17
C ILE A 370 29.41 -0.93 -26.73
N ALA A 371 29.47 0.21 -27.42
CA ALA A 371 30.32 1.34 -27.03
C ALA A 371 29.43 2.54 -26.73
N VAL A 372 29.80 3.29 -25.68
CA VAL A 372 29.11 4.52 -25.32
C VAL A 372 30.16 5.62 -25.33
N GLY A 373 30.16 6.44 -26.38
CA GLY A 373 31.19 7.46 -26.52
C GLY A 373 32.58 6.83 -26.55
N ASP A 374 33.55 7.61 -26.07
CA ASP A 374 34.93 7.14 -25.98
C ASP A 374 35.23 6.45 -24.65
N ASN A 375 34.19 6.00 -23.94
CA ASN A 375 34.37 5.31 -22.67
C ASN A 375 35.22 4.06 -22.85
N ALA A 376 36.20 3.89 -21.97
CA ALA A 376 37.06 2.72 -22.00
C ALA A 376 36.35 1.51 -21.44
N PHE A 377 36.49 0.38 -22.11
CA PHE A 377 35.92 -0.88 -21.64
C PHE A 377 36.97 -1.65 -20.85
N ASP A 378 36.61 -2.09 -19.65
CA ASP A 378 37.49 -2.89 -18.80
C ASP A 378 36.76 -4.17 -18.47
N ALA A 379 37.24 -5.29 -19.02
CA ALA A 379 36.61 -6.58 -18.79
C ALA A 379 36.62 -6.99 -17.32
N ASN A 380 37.48 -6.40 -16.50
CA ASN A 380 37.64 -6.81 -15.11
C ASN A 380 36.79 -6.00 -14.12
N ARG A 381 36.15 -4.92 -14.55
CA ARG A 381 35.35 -4.11 -13.63
C ARG A 381 34.08 -3.64 -14.33
N TRP A 382 32.93 -3.94 -13.72
CA TRP A 382 31.66 -3.47 -14.24
C TRP A 382 31.55 -1.96 -14.13
N GLN A 383 31.10 -1.31 -15.19
CA GLN A 383 30.75 0.09 -15.17
C GLN A 383 29.29 0.24 -15.61
N GLU A 384 28.63 1.27 -15.07
CA GLU A 384 27.21 1.45 -15.32
C GLU A 384 26.92 1.56 -16.80
N TRP A 385 27.78 2.26 -17.55
CA TRP A 385 27.50 2.47 -18.97
C TRP A 385 27.50 1.15 -19.75
N TYR A 386 28.06 0.07 -19.19
CA TYR A 386 28.04 -1.23 -19.88
C TYR A 386 26.63 -1.65 -20.25
N GLY A 387 25.65 -1.35 -19.38
CA GLY A 387 24.28 -1.75 -19.60
C GLY A 387 23.39 -0.73 -20.29
N ASP A 388 23.97 0.38 -20.74
CA ASP A 388 23.20 1.46 -21.34
C ASP A 388 22.55 1.00 -22.66
N LYS A 389 21.25 1.20 -22.78
CA LYS A 389 20.54 0.89 -24.02
C LYS A 389 20.28 2.11 -24.89
N GLU A 390 20.31 3.31 -24.32
CA GLU A 390 19.92 4.52 -25.02
C GLU A 390 21.03 5.12 -25.87
N ASN A 391 22.24 5.21 -25.30
CA ASN A 391 23.31 5.99 -25.87
C ASN A 391 24.46 5.13 -26.40
N GLY A 392 24.19 3.87 -26.72
CA GLY A 392 25.25 3.06 -27.26
C GLY A 392 25.12 2.74 -28.73
N VAL A 393 26.24 2.36 -29.35
CA VAL A 393 26.23 1.81 -30.69
C VAL A 393 27.01 0.50 -30.66
N LEU A 394 26.73 -0.35 -31.64
CA LEU A 394 27.33 -1.66 -31.69
C LEU A 394 28.76 -1.60 -32.23
N VAL A 395 29.64 -2.35 -31.59
CA VAL A 395 31.01 -2.59 -32.04
C VAL A 395 31.22 -4.09 -31.98
N ASN A 396 32.28 -4.55 -32.65
CA ASN A 396 32.64 -5.98 -32.66
C ASN A 396 31.49 -6.87 -33.10
N SER A 397 30.59 -6.32 -33.93
CA SER A 397 29.38 -7.03 -34.30
C SER A 397 29.25 -7.18 -35.81
N GLY A 398 30.39 -7.18 -36.51
CA GLY A 398 30.38 -7.36 -37.95
C GLY A 398 29.58 -6.28 -38.63
N ASP A 399 28.61 -6.69 -39.45
CA ASP A 399 27.82 -5.75 -40.24
C ASP A 399 26.79 -5.00 -39.41
N LEU A 400 26.64 -5.32 -38.12
CA LEU A 400 25.76 -4.57 -37.23
C LEU A 400 26.45 -3.37 -36.59
N ASP A 401 27.76 -3.20 -36.81
CA ASP A 401 28.51 -2.15 -36.14
C ASP A 401 27.91 -0.77 -36.42
N GLY A 402 27.88 0.07 -35.39
CA GLY A 402 27.42 1.43 -35.52
C GLY A 402 25.93 1.64 -35.34
N LEU A 403 25.15 0.57 -35.27
CA LEU A 403 23.72 0.67 -35.07
C LEU A 403 23.39 0.97 -33.62
N ASP A 404 22.30 1.70 -33.39
CA ASP A 404 21.82 1.90 -32.04
C ASP A 404 20.86 0.76 -31.67
N PHE A 405 20.33 0.82 -30.44
CA PHE A 405 19.57 -0.31 -29.90
C PHE A 405 18.41 -0.69 -30.80
N GLN A 406 17.55 0.28 -31.14
CA GLN A 406 16.32 -0.10 -31.83
C GLN A 406 16.61 -0.57 -33.25
N THR A 407 17.58 0.06 -33.92
CA THR A 407 17.92 -0.36 -35.28
C THR A 407 18.56 -1.75 -35.27
N ALA A 408 19.45 -2.01 -34.30
CA ALA A 408 20.07 -3.32 -34.19
C ALA A 408 19.04 -4.40 -33.86
N PHE A 409 18.08 -4.09 -32.98
CA PHE A 409 17.00 -5.01 -32.66
C PHE A 409 16.27 -5.44 -33.92
N ASP A 410 15.84 -4.47 -34.72
CA ASP A 410 15.13 -4.78 -35.96
C ASP A 410 16.02 -5.54 -36.92
N ALA A 411 17.31 -5.17 -37.00
CA ALA A 411 18.19 -5.86 -37.95
C ALA A 411 18.39 -7.32 -37.54
N VAL A 412 18.55 -7.58 -36.24
CA VAL A 412 18.70 -8.94 -35.74
C VAL A 412 17.40 -9.73 -35.93
N ALA A 413 16.25 -9.11 -35.62
CA ALA A 413 14.97 -9.77 -35.90
C ALA A 413 14.85 -10.14 -37.37
N ALA A 414 15.26 -9.24 -38.27
CA ALA A 414 15.21 -9.54 -39.69
C ALA A 414 16.08 -10.74 -40.03
N LYS A 415 17.32 -10.73 -39.55
CA LYS A 415 18.23 -11.83 -39.89
C LYS A 415 17.72 -13.15 -39.33
N LEU A 416 17.26 -13.14 -38.08
CA LEU A 416 16.80 -14.38 -37.45
C LEU A 416 15.54 -14.91 -38.10
N GLN A 417 14.58 -14.01 -38.42
CA GLN A 417 13.35 -14.46 -39.06
C GLN A 417 13.62 -15.02 -40.44
N SER A 418 14.53 -14.41 -41.20
CA SER A 418 14.84 -14.94 -42.52
C SER A 418 15.46 -16.32 -42.45
N GLN A 419 16.26 -16.59 -41.40
CA GLN A 419 16.85 -17.91 -41.17
C GLN A 419 15.88 -18.90 -40.55
N GLY A 420 14.72 -18.44 -40.09
CA GLY A 420 13.91 -19.29 -39.23
C GLY A 420 14.48 -19.50 -37.82
N ALA A 421 15.43 -18.67 -37.37
CA ALA A 421 16.11 -18.90 -36.11
C ALA A 421 15.58 -18.03 -34.96
N GLY A 422 14.53 -17.27 -35.19
CA GLY A 422 13.95 -16.51 -34.10
C GLY A 422 12.96 -15.49 -34.62
N GLU A 423 12.36 -14.77 -33.67
CA GLU A 423 11.31 -13.81 -33.98
C GLU A 423 11.07 -12.94 -32.74
N PRO A 424 10.55 -11.72 -32.93
CA PRO A 424 10.19 -10.90 -31.76
C PRO A 424 9.13 -11.58 -30.92
N LYS A 425 9.14 -11.25 -29.63
CA LYS A 425 8.28 -11.92 -28.66
C LYS A 425 8.13 -11.01 -27.45
N THR A 426 6.89 -10.87 -26.98
CA THR A 426 6.58 -10.16 -25.74
C THR A 426 6.38 -11.16 -24.60
N GLN A 427 6.98 -10.86 -23.45
CA GLN A 427 6.88 -11.70 -22.27
C GLN A 427 6.46 -10.86 -21.07
N TYR A 428 5.90 -11.54 -20.07
CA TYR A 428 5.55 -10.90 -18.81
C TYR A 428 6.09 -11.75 -17.67
N ARG A 429 6.68 -11.09 -16.68
CA ARG A 429 7.06 -11.77 -15.43
C ARG A 429 5.84 -12.29 -14.69
N LEU A 430 4.71 -11.59 -14.80
CA LEU A 430 3.50 -11.90 -14.06
C LEU A 430 3.11 -13.37 -14.19
N ARG A 431 2.84 -14.01 -13.06
CA ARG A 431 2.34 -15.37 -12.98
C ARG A 431 0.84 -15.35 -12.77
N ASP A 432 0.18 -16.44 -13.12
CA ASP A 432 -1.22 -16.52 -12.75
C ASP A 432 -1.36 -16.66 -11.23
N TRP A 433 -2.52 -16.29 -10.73
CA TRP A 433 -2.76 -16.13 -9.30
C TRP A 433 -3.34 -17.42 -8.73
N GLY A 434 -2.53 -18.16 -7.95
CA GLY A 434 -3.02 -19.38 -7.32
C GLY A 434 -3.87 -19.04 -6.11
N ILE A 435 -5.13 -19.47 -6.07
CA ILE A 435 -6.04 -19.06 -5.00
C ILE A 435 -6.43 -20.18 -4.05
N SER A 436 -6.05 -21.43 -4.33
CA SER A 436 -6.34 -22.56 -3.44
C SER A 436 -5.56 -22.42 -2.13
N ARG A 437 -6.23 -22.62 -1.01
CA ARG A 437 -5.56 -22.65 0.28
C ARG A 437 -6.03 -23.88 1.03
N GLN A 438 -5.10 -24.61 1.61
CA GLN A 438 -5.45 -25.79 2.40
C GLN A 438 -5.65 -25.39 3.86
N ARG A 439 -6.62 -24.50 4.07
CA ARG A 439 -6.96 -23.91 5.36
C ARG A 439 -8.46 -24.02 5.56
N TYR A 440 -8.90 -24.04 6.83
CA TYR A 440 -10.33 -24.11 7.10
C TYR A 440 -11.00 -22.73 7.10
N TRP A 441 -10.41 -21.74 7.76
CA TRP A 441 -11.10 -20.47 8.02
C TRP A 441 -10.94 -19.57 6.80
N GLY A 442 -11.77 -19.82 5.80
CA GLY A 442 -11.71 -19.11 4.53
C GLY A 442 -12.93 -19.45 3.72
N CYS A 443 -13.09 -18.75 2.60
CA CYS A 443 -14.27 -18.94 1.76
C CYS A 443 -14.20 -20.27 1.04
N PRO A 444 -15.20 -21.15 1.18
CA PRO A 444 -15.21 -22.41 0.42
C PRO A 444 -15.19 -22.19 -1.09
N ILE A 445 -14.47 -23.05 -1.79
CA ILE A 445 -14.42 -22.97 -3.24
C ILE A 445 -15.67 -23.68 -3.78
N PRO A 446 -16.51 -23.01 -4.58
CA PRO A 446 -17.81 -23.58 -4.96
C PRO A 446 -17.71 -24.56 -6.12
N ILE A 447 -17.01 -25.66 -5.89
CA ILE A 447 -16.82 -26.71 -6.86
C ILE A 447 -17.25 -28.02 -6.22
N VAL A 448 -17.94 -28.87 -6.98
CA VAL A 448 -18.26 -30.24 -6.57
C VAL A 448 -17.57 -31.19 -7.54
N HIS A 449 -16.86 -32.17 -7.01
CA HIS A 449 -16.15 -33.13 -7.85
C HIS A 449 -17.01 -34.37 -8.04
N CYS A 450 -17.30 -34.67 -9.30
CA CYS A 450 -18.12 -35.83 -9.66
C CYS A 450 -17.35 -36.68 -10.66
N GLU A 451 -17.31 -37.99 -10.42
CA GLU A 451 -16.55 -38.85 -11.33
C GLU A 451 -17.20 -38.96 -12.70
N LYS A 452 -18.47 -38.60 -12.82
CA LYS A 452 -19.13 -38.54 -14.12
C LYS A 452 -19.01 -37.16 -14.78
N CYS A 453 -19.26 -36.09 -14.03
CA CYS A 453 -19.40 -34.78 -14.63
C CYS A 453 -18.14 -33.92 -14.54
N GLY A 454 -17.15 -34.31 -13.74
CA GLY A 454 -15.93 -33.53 -13.57
C GLY A 454 -15.94 -32.56 -12.40
N ASN A 455 -15.23 -31.43 -12.53
CA ASN A 455 -15.24 -30.38 -11.52
C ASN A 455 -16.40 -29.46 -11.86
N VAL A 456 -17.47 -29.51 -11.09
CA VAL A 456 -18.73 -28.88 -11.45
C VAL A 456 -18.90 -27.62 -10.60
N PRO A 457 -19.13 -26.45 -11.20
CA PRO A 457 -19.42 -25.28 -10.37
C PRO A 457 -20.78 -25.43 -9.72
N VAL A 458 -20.86 -24.98 -8.48
CA VAL A 458 -22.16 -25.00 -7.79
C VAL A 458 -23.10 -23.99 -8.46
N PRO A 459 -24.34 -24.37 -8.78
CA PRO A 459 -25.28 -23.44 -9.42
C PRO A 459 -25.56 -22.22 -8.56
N ALA A 460 -25.85 -21.11 -9.23
CA ALA A 460 -26.07 -19.85 -8.52
C ALA A 460 -27.19 -19.95 -7.50
N ASP A 461 -28.25 -20.74 -7.78
CA ASP A 461 -29.36 -20.86 -6.83
C ASP A 461 -28.97 -21.61 -5.56
N GLN A 462 -27.88 -22.36 -5.60
CA GLN A 462 -27.41 -23.11 -4.45
C GLN A 462 -26.33 -22.37 -3.67
N LEU A 463 -25.88 -21.21 -4.16
CA LEU A 463 -24.87 -20.48 -3.39
C LEU A 463 -25.54 -19.72 -2.26
N PRO A 464 -24.82 -19.49 -1.14
CA PRO A 464 -23.44 -19.88 -0.88
C PRO A 464 -23.24 -21.35 -0.55
N VAL A 465 -22.03 -21.84 -0.82
CA VAL A 465 -21.50 -23.02 -0.15
C VAL A 465 -21.07 -22.54 1.23
N VAL A 466 -21.83 -22.90 2.26
CA VAL A 466 -21.64 -22.31 3.58
C VAL A 466 -20.48 -23.00 4.29
N LEU A 467 -19.55 -22.22 4.79
CA LEU A 467 -18.51 -22.76 5.64
C LEU A 467 -19.11 -23.06 7.02
N PRO A 468 -19.08 -24.31 7.49
CA PRO A 468 -19.61 -24.58 8.84
C PRO A 468 -18.75 -23.90 9.88
N GLU A 469 -19.41 -23.17 10.79
CA GLU A 469 -18.70 -22.40 11.81
C GLU A 469 -18.46 -23.18 13.10
N ASN A 470 -19.14 -24.30 13.28
CA ASN A 470 -18.97 -25.15 14.47
C ASN A 470 -17.80 -26.10 14.25
N VAL A 471 -16.60 -25.53 14.28
CA VAL A 471 -15.36 -26.23 14.00
C VAL A 471 -14.29 -25.67 14.92
N VAL A 472 -13.53 -26.55 15.57
CA VAL A 472 -12.29 -26.14 16.23
C VAL A 472 -11.11 -26.87 15.59
N PRO A 473 -10.27 -26.20 14.82
CA PRO A 473 -9.11 -26.87 14.23
C PRO A 473 -8.17 -27.42 15.29
N ASP A 474 -7.65 -28.63 15.04
CA ASP A 474 -6.75 -29.31 15.96
C ASP A 474 -5.29 -29.30 15.49
N GLY A 475 -5.02 -28.86 14.27
CA GLY A 475 -3.67 -28.77 13.77
C GLY A 475 -3.16 -29.99 13.02
N MET A 476 -3.91 -31.09 13.02
CA MET A 476 -3.46 -32.32 12.36
C MET A 476 -4.14 -32.46 10.99
N GLY A 477 -3.97 -31.44 10.19
CA GLY A 477 -4.50 -31.41 8.84
C GLY A 477 -5.69 -30.47 8.72
N SER A 478 -5.98 -30.11 7.48
CA SER A 478 -7.04 -29.16 7.17
C SER A 478 -8.41 -29.73 7.58
N PRO A 479 -9.16 -29.05 8.42
CA PRO A 479 -10.39 -29.64 8.97
C PRO A 479 -11.44 -30.03 7.93
N LEU A 480 -11.62 -29.26 6.85
CA LEU A 480 -12.71 -29.59 5.92
C LEU A 480 -12.50 -30.95 5.27
N ALA A 481 -11.25 -31.31 4.98
CA ALA A 481 -10.99 -32.62 4.40
C ALA A 481 -11.28 -33.76 5.36
N LYS A 482 -11.41 -33.48 6.66
CA LYS A 482 -11.69 -34.50 7.65
C LYS A 482 -13.16 -34.52 8.05
N MET A 483 -14.03 -33.84 7.30
CA MET A 483 -15.43 -33.66 7.67
C MET A 483 -16.33 -34.13 6.54
N PRO A 484 -16.64 -35.43 6.49
CA PRO A 484 -17.55 -35.94 5.45
C PRO A 484 -18.93 -35.29 5.50
N GLU A 485 -19.37 -34.86 6.69
CA GLU A 485 -20.64 -34.15 6.77
C GLU A 485 -20.63 -32.87 5.94
N PHE A 486 -19.45 -32.28 5.73
CA PHE A 486 -19.34 -31.16 4.79
C PHE A 486 -19.15 -31.65 3.36
N TYR A 487 -18.17 -32.52 3.10
CA TYR A 487 -17.80 -32.71 1.71
C TYR A 487 -18.62 -33.76 0.98
N GLU A 488 -19.29 -34.67 1.66
CA GLU A 488 -20.09 -35.66 0.95
C GLU A 488 -21.40 -35.02 0.49
N THR A 489 -21.68 -35.12 -0.80
CA THR A 489 -22.82 -34.40 -1.33
C THR A 489 -23.27 -35.12 -2.59
N SER A 490 -24.24 -34.54 -3.29
CA SER A 490 -24.71 -35.08 -4.55
C SER A 490 -24.32 -34.11 -5.65
N CYS A 491 -24.03 -34.65 -6.82
CA CYS A 491 -23.60 -33.81 -7.93
C CYS A 491 -24.75 -32.92 -8.40
N PRO A 492 -24.55 -31.61 -8.53
CA PRO A 492 -25.64 -30.75 -9.01
C PRO A 492 -26.01 -30.95 -10.47
N CYS A 493 -25.22 -31.69 -11.24
CA CYS A 493 -25.52 -31.96 -12.63
C CYS A 493 -26.21 -33.29 -12.85
N CYS A 494 -25.83 -34.34 -12.12
CA CYS A 494 -26.40 -35.66 -12.33
C CYS A 494 -27.08 -36.25 -11.10
N GLY A 495 -26.93 -35.64 -9.92
CA GLY A 495 -27.47 -36.21 -8.70
C GLY A 495 -26.68 -37.35 -8.10
N GLY A 496 -25.55 -37.75 -8.71
CA GLY A 496 -24.80 -38.85 -8.17
C GLY A 496 -23.94 -38.47 -6.98
N ALA A 497 -23.36 -39.51 -6.34
CA ALA A 497 -22.42 -39.28 -5.24
C ALA A 497 -21.26 -38.40 -5.69
N ALA A 498 -20.90 -37.44 -4.84
CA ALA A 498 -19.89 -36.47 -5.23
C ALA A 498 -19.28 -35.87 -3.97
N LYS A 499 -18.17 -35.16 -4.14
CA LYS A 499 -17.48 -34.56 -3.00
C LYS A 499 -17.26 -33.08 -3.28
N ARG A 500 -17.55 -32.27 -2.27
CA ARG A 500 -17.22 -30.85 -2.32
C ARG A 500 -15.72 -30.64 -2.32
N GLU A 501 -15.29 -29.61 -3.06
CA GLU A 501 -13.95 -29.08 -2.89
C GLU A 501 -13.75 -28.71 -1.42
N THR A 502 -12.58 -29.06 -0.88
CA THR A 502 -12.32 -28.75 0.52
C THR A 502 -11.29 -27.64 0.72
N ASP A 503 -10.53 -27.27 -0.32
CA ASP A 503 -9.69 -26.10 -0.20
C ASP A 503 -10.56 -24.84 -0.13
N THR A 504 -10.04 -23.80 0.52
CA THR A 504 -10.70 -22.51 0.61
C THR A 504 -9.92 -21.48 -0.20
N MET A 505 -10.48 -20.28 -0.32
CA MET A 505 -9.91 -19.24 -1.17
C MET A 505 -8.85 -18.42 -0.43
N ASP A 506 -7.79 -18.06 -1.17
CA ASP A 506 -6.85 -17.01 -0.78
C ASP A 506 -7.62 -15.81 -0.22
N THR A 507 -7.26 -15.37 0.99
CA THR A 507 -8.08 -14.33 1.58
C THR A 507 -7.87 -12.97 0.93
N PHE A 508 -6.85 -12.82 0.07
CA PHE A 508 -6.82 -11.64 -0.79
C PHE A 508 -8.09 -11.49 -1.62
N ILE A 509 -8.82 -12.58 -1.89
CA ILE A 509 -10.02 -12.46 -2.71
C ILE A 509 -11.01 -11.51 -2.06
N GLU A 510 -11.22 -11.64 -0.74
CA GLU A 510 -12.23 -10.79 -0.10
C GLU A 510 -11.84 -9.32 -0.16
N SER A 511 -10.56 -9.01 -0.04
CA SER A 511 -10.14 -7.61 -0.09
C SER A 511 -9.99 -7.10 -1.51
N SER A 512 -10.23 -7.94 -2.52
CA SER A 512 -10.14 -7.46 -3.90
C SER A 512 -11.43 -6.83 -4.40
N TRP A 513 -12.53 -6.85 -3.62
CA TRP A 513 -13.76 -6.23 -4.09
C TRP A 513 -14.58 -5.60 -2.96
N TYR A 514 -14.12 -5.64 -1.71
CA TYR A 514 -14.94 -5.13 -0.61
C TYR A 514 -15.35 -3.67 -0.79
N PHE A 515 -14.54 -2.88 -1.49
CA PHE A 515 -14.86 -1.47 -1.73
C PHE A 515 -16.10 -1.32 -2.62
N PHE A 516 -16.41 -2.31 -3.46
CA PHE A 516 -17.69 -2.25 -4.17
C PHE A 516 -18.84 -2.70 -3.26
N ARG A 517 -18.63 -3.73 -2.43
CA ARG A 517 -19.73 -4.20 -1.60
C ARG A 517 -20.22 -3.11 -0.62
N TYR A 518 -19.32 -2.24 -0.15
CA TYR A 518 -19.74 -1.12 0.71
C TYR A 518 -20.82 -0.27 0.07
N MET A 519 -20.84 -0.19 -1.26
CA MET A 519 -21.83 0.62 -1.96
C MET A 519 -23.25 0.09 -1.77
N SER A 520 -23.43 -1.22 -1.59
CA SER A 520 -24.75 -1.80 -1.32
C SER A 520 -24.56 -3.08 -0.54
N PRO A 521 -24.26 -2.98 0.75
CA PRO A 521 -23.83 -4.17 1.51
C PRO A 521 -24.96 -5.12 1.84
N LYS A 522 -26.22 -4.73 1.64
CA LYS A 522 -27.35 -5.61 1.89
C LYS A 522 -27.99 -6.09 0.59
N PHE A 523 -27.37 -5.83 -0.56
CA PHE A 523 -27.97 -6.17 -1.84
C PHE A 523 -27.91 -7.70 -2.03
N SER A 524 -29.07 -8.33 -2.21
CA SER A 524 -29.14 -9.78 -2.26
C SER A 524 -29.25 -10.34 -3.67
N ASP A 525 -29.26 -9.50 -4.71
CA ASP A 525 -29.37 -10.00 -6.08
C ASP A 525 -28.07 -9.86 -6.88
N GLY A 526 -26.96 -9.51 -6.25
CA GLY A 526 -25.72 -9.36 -7.01
C GLY A 526 -24.63 -8.84 -6.10
N MET A 527 -23.40 -8.85 -6.63
CA MET A 527 -22.25 -8.37 -5.87
C MET A 527 -22.43 -6.94 -5.41
N VAL A 528 -22.98 -6.10 -6.28
CA VAL A 528 -23.23 -4.69 -5.96
C VAL A 528 -24.38 -4.23 -6.85
N SER A 529 -25.29 -3.45 -6.29
CA SER A 529 -26.41 -3.00 -7.09
C SER A 529 -25.96 -1.97 -8.12
N ALA A 530 -26.65 -1.99 -9.26
CA ALA A 530 -26.29 -1.11 -10.37
C ALA A 530 -26.45 0.36 -10.00
N GLU A 531 -27.52 0.68 -9.28
CA GLU A 531 -27.79 2.06 -8.90
C GLU A 531 -26.69 2.59 -7.99
N SER A 532 -26.24 1.77 -7.02
CA SER A 532 -25.17 2.18 -6.12
C SER A 532 -23.84 2.33 -6.85
N ALA A 533 -23.50 1.35 -7.68
CA ALA A 533 -22.23 1.41 -8.41
C ALA A 533 -22.18 2.63 -9.29
N LYS A 534 -23.29 2.93 -9.97
CA LYS A 534 -23.38 4.11 -10.83
C LYS A 534 -23.16 5.40 -10.06
N TYR A 535 -23.69 5.47 -8.84
CA TYR A 535 -23.62 6.72 -8.07
C TYR A 535 -22.25 6.91 -7.44
N TRP A 536 -21.74 5.86 -6.79
CA TRP A 536 -20.49 6.00 -6.05
C TRP A 536 -19.28 5.89 -6.97
N GLY A 537 -19.39 5.15 -8.08
CA GLY A 537 -18.33 5.08 -9.05
C GLY A 537 -17.08 4.37 -8.56
N ALA A 538 -16.03 5.12 -8.25
CA ALA A 538 -14.78 4.60 -7.73
C ALA A 538 -14.48 5.21 -6.36
N VAL A 539 -13.50 4.63 -5.67
CA VAL A 539 -12.99 5.23 -4.45
C VAL A 539 -12.22 6.49 -4.81
N ASP A 540 -12.59 7.62 -4.20
CA ASP A 540 -11.87 8.87 -4.50
C ASP A 540 -10.50 8.91 -3.82
N GLN A 541 -10.42 8.40 -2.60
CA GLN A 541 -9.21 8.44 -1.80
C GLN A 541 -9.08 7.13 -1.05
N TYR A 542 -7.97 6.44 -1.24
CA TYR A 542 -7.67 5.20 -0.56
C TYR A 542 -6.45 5.43 0.31
N ILE A 543 -6.49 4.93 1.55
CA ILE A 543 -5.41 5.14 2.51
C ILE A 543 -4.99 3.80 3.09
N GLY A 544 -3.71 3.48 3.03
CA GLY A 544 -3.28 2.26 3.70
C GLY A 544 -1.77 2.10 3.66
N GLY A 545 -1.31 0.99 4.25
CA GLY A 545 0.11 0.75 4.39
C GLY A 545 0.79 0.37 3.09
N ILE A 546 2.08 0.71 3.02
CA ILE A 546 2.88 0.46 1.82
C ILE A 546 3.08 -1.02 1.57
N GLU A 547 2.95 -1.85 2.61
CA GLU A 547 3.11 -3.28 2.39
C GLU A 547 2.05 -3.85 1.45
N HIS A 548 0.99 -3.11 1.15
CA HIS A 548 -0.04 -3.60 0.24
C HIS A 548 0.11 -3.05 -1.17
N ALA A 549 1.25 -2.41 -1.47
CA ALA A 549 1.39 -1.65 -2.72
C ALA A 549 1.44 -2.54 -3.96
N ILE A 550 1.83 -3.80 -3.83
CA ILE A 550 1.93 -4.65 -4.99
C ILE A 550 0.73 -5.59 -5.07
N LEU A 551 0.64 -6.55 -4.14
CA LEU A 551 -0.32 -7.64 -4.32
C LEU A 551 -1.75 -7.17 -4.15
N HIS A 552 -2.10 -6.64 -2.97
CA HIS A 552 -3.48 -6.23 -2.75
C HIS A 552 -3.96 -5.26 -3.83
N LEU A 553 -3.15 -4.24 -4.14
CA LEU A 553 -3.59 -3.26 -5.13
C LEU A 553 -3.70 -3.89 -6.51
N LEU A 554 -2.76 -4.75 -6.89
CA LEU A 554 -2.88 -5.42 -8.19
C LEU A 554 -4.16 -6.25 -8.26
N TYR A 555 -4.44 -7.02 -7.20
CA TYR A 555 -5.62 -7.88 -7.19
C TYR A 555 -6.92 -7.08 -7.24
N ALA A 556 -6.96 -5.97 -6.49
CA ALA A 556 -8.14 -5.12 -6.49
C ALA A 556 -8.37 -4.52 -7.86
N ARG A 557 -7.28 -4.14 -8.54
CA ARG A 557 -7.41 -3.57 -9.88
C ARG A 557 -7.91 -4.64 -10.85
N PHE A 558 -7.39 -5.85 -10.69
CA PHE A 558 -7.79 -6.97 -11.53
C PHE A 558 -9.27 -7.31 -11.31
N PHE A 559 -9.71 -7.39 -10.06
CA PHE A 559 -11.10 -7.69 -9.78
C PHE A 559 -12.01 -6.61 -10.33
N THR A 560 -11.56 -5.36 -10.29
CA THR A 560 -12.39 -4.28 -10.82
C THR A 560 -12.63 -4.47 -12.31
N LYS A 561 -11.58 -4.88 -13.05
CA LYS A 561 -11.74 -5.07 -14.48
C LYS A 561 -12.56 -6.31 -14.80
N LEU A 562 -12.42 -7.36 -13.99
CA LEU A 562 -13.30 -8.52 -14.12
C LEU A 562 -14.75 -8.15 -13.88
N MET A 563 -15.01 -7.37 -12.83
CA MET A 563 -16.39 -7.01 -12.53
C MET A 563 -16.95 -6.05 -13.57
N ARG A 564 -16.11 -5.15 -14.07
CA ARG A 564 -16.49 -4.31 -15.20
C ARG A 564 -16.91 -5.16 -16.39
N ASP A 565 -16.08 -6.15 -16.74
CA ASP A 565 -16.36 -6.95 -17.92
C ASP A 565 -17.60 -7.82 -17.72
N GLU A 566 -17.96 -8.14 -16.48
CA GLU A 566 -19.22 -8.83 -16.21
C GLU A 566 -20.43 -7.90 -16.22
N GLY A 567 -20.21 -6.59 -16.39
CA GLY A 567 -21.31 -5.64 -16.40
C GLY A 567 -21.77 -5.18 -15.03
N LEU A 568 -20.95 -5.37 -13.99
CA LEU A 568 -21.35 -5.02 -12.63
C LEU A 568 -20.93 -3.61 -12.23
N VAL A 569 -19.83 -3.10 -12.74
CA VAL A 569 -19.38 -1.76 -12.42
C VAL A 569 -19.00 -1.06 -13.71
N ASN A 570 -18.84 0.25 -13.62
CA ASN A 570 -18.62 1.12 -14.75
C ASN A 570 -17.21 1.71 -14.81
N VAL A 571 -16.34 1.38 -13.86
CA VAL A 571 -15.03 2.02 -13.81
C VAL A 571 -13.99 1.02 -14.24
N ASP A 572 -12.87 1.53 -14.76
CA ASP A 572 -11.70 0.72 -15.07
C ASP A 572 -10.77 0.57 -13.88
N GLU A 573 -10.79 1.52 -12.94
CA GLU A 573 -9.85 1.51 -11.84
C GLU A 573 -10.56 1.78 -10.52
N PRO A 574 -10.22 1.06 -9.47
CA PRO A 574 -10.96 1.20 -8.21
C PRO A 574 -10.58 2.41 -7.36
N PHE A 575 -9.35 2.91 -7.44
CA PHE A 575 -8.88 3.91 -6.48
C PHE A 575 -8.25 5.07 -7.23
N GLU A 576 -8.83 6.27 -7.04
CA GLU A 576 -8.34 7.44 -7.75
C GLU A 576 -7.07 8.00 -7.11
N ARG A 577 -7.14 8.37 -5.84
CA ARG A 577 -5.98 8.87 -5.10
C ARG A 577 -5.54 7.81 -4.11
N LEU A 578 -4.23 7.70 -3.92
CA LEU A 578 -3.67 6.72 -3.02
C LEU A 578 -2.68 7.41 -2.08
N LEU A 579 -2.88 7.24 -0.78
CA LEU A 579 -2.00 7.74 0.27
C LEU A 579 -1.50 6.53 1.04
N THR A 580 -0.18 6.37 1.12
CA THR A 580 0.38 5.23 1.83
C THR A 580 1.08 5.73 3.08
N GLN A 581 0.62 5.25 4.23
CA GLN A 581 1.12 5.69 5.53
C GLN A 581 2.38 4.92 5.91
N GLY A 582 3.20 5.57 6.74
CA GLY A 582 4.40 4.94 7.26
C GLY A 582 4.14 4.11 8.50
N MET A 583 5.15 3.33 8.88
CA MET A 583 5.03 2.46 10.04
C MET A 583 5.08 3.27 11.33
N VAL A 584 4.66 2.64 12.43
CA VAL A 584 4.80 3.22 13.76
C VAL A 584 5.90 2.45 14.48
N VAL A 585 6.86 3.17 15.05
CA VAL A 585 8.03 2.57 15.66
C VAL A 585 8.10 3.01 17.12
N CYS A 586 8.81 2.21 17.91
CA CYS A 586 8.95 2.48 19.34
C CYS A 586 10.27 1.92 19.84
N GLU A 587 10.81 2.59 20.85
CA GLU A 587 11.96 2.11 21.59
C GLU A 587 11.66 0.73 22.19
N THR A 588 12.72 -0.05 22.38
CA THR A 588 12.60 -1.38 22.97
C THR A 588 13.38 -1.44 24.29
N TYR A 589 12.95 -2.35 25.17
CA TYR A 589 13.52 -2.52 26.50
C TYR A 589 13.55 -4.01 26.84
N TYR A 590 14.52 -4.42 27.66
CA TYR A 590 14.58 -5.82 28.06
C TYR A 590 15.23 -5.96 29.44
N ARG A 591 15.41 -7.20 29.84
CA ARG A 591 16.21 -7.58 31.00
C ARG A 591 16.94 -8.86 30.63
N GLU A 592 18.07 -9.10 31.26
CA GLU A 592 19.00 -10.10 30.76
C GLU A 592 18.48 -11.52 30.97
N ASN A 593 19.06 -12.46 30.22
CA ASN A 593 18.65 -13.85 30.17
C ASN A 593 19.71 -14.76 30.78
N ASP A 594 19.31 -16.00 31.01
CA ASP A 594 20.19 -17.01 31.61
C ASP A 594 21.16 -17.60 30.59
N LYS A 595 20.74 -17.72 29.32
CA LYS A 595 21.54 -18.36 28.28
C LYS A 595 22.20 -17.35 27.34
N GLY A 596 22.46 -16.14 27.82
CA GLY A 596 23.09 -15.14 26.99
C GLY A 596 22.20 -14.58 25.90
N GLY A 597 20.93 -14.30 26.22
CA GLY A 597 19.95 -13.72 25.33
C GLY A 597 19.25 -12.54 25.97
N LYS A 598 18.03 -12.26 25.50
CA LYS A 598 17.25 -11.11 25.93
C LYS A 598 15.78 -11.48 26.06
N ASP A 599 15.11 -10.89 27.06
CA ASP A 599 13.67 -10.98 27.25
C ASP A 599 13.08 -9.57 27.32
N TRP A 600 12.08 -9.28 26.47
CA TRP A 600 11.71 -7.91 26.13
C TRP A 600 10.49 -7.41 26.92
N ILE A 601 10.61 -6.18 27.44
CA ILE A 601 9.60 -5.56 28.30
C ILE A 601 8.77 -4.58 27.48
N ASN A 602 7.44 -4.62 27.68
CA ASN A 602 6.57 -3.67 27.00
C ASN A 602 6.81 -2.25 27.54
N PRO A 603 6.74 -1.24 26.67
CA PRO A 603 7.02 0.14 27.13
C PRO A 603 6.11 0.63 28.23
N ALA A 604 4.80 0.39 28.13
CA ALA A 604 3.86 0.92 29.12
C ALA A 604 4.15 0.39 30.51
N ASP A 605 4.88 -0.72 30.63
CA ASP A 605 5.32 -1.24 31.92
C ASP A 605 6.68 -0.70 32.34
N VAL A 606 7.17 0.36 31.70
CA VAL A 606 8.50 0.90 31.98
C VAL A 606 8.36 2.38 32.37
N GLU A 607 9.29 2.84 33.19
CA GLU A 607 9.39 4.24 33.57
C GLU A 607 10.84 4.68 33.48
N LEU A 608 11.08 5.82 32.83
CA LEU A 608 12.41 6.41 32.79
C LEU A 608 12.65 7.26 34.04
N THR A 609 13.91 7.59 34.28
CA THR A 609 14.29 8.31 35.49
C THR A 609 14.61 9.79 35.22
N PRO A 616 17.01 12.45 32.57
CA PRO A 616 16.79 11.46 31.51
C PRO A 616 17.96 10.48 31.39
N VAL A 617 18.13 9.63 32.40
CA VAL A 617 19.29 8.75 32.49
C VAL A 617 18.90 7.32 32.13
N SER A 618 18.41 6.55 33.10
CA SER A 618 18.09 5.15 32.92
C SER A 618 16.57 4.95 32.90
N ALA A 619 16.16 3.70 32.72
CA ALA A 619 14.76 3.31 32.80
C ALA A 619 14.63 2.14 33.77
N VAL A 620 13.41 1.99 34.32
CA VAL A 620 13.13 0.94 35.29
C VAL A 620 11.70 0.44 35.09
N LEU A 621 11.40 -0.71 35.68
CA LEU A 621 10.06 -1.30 35.60
C LEU A 621 9.11 -0.63 36.61
N LYS A 622 7.89 -0.34 36.16
CA LYS A 622 6.92 0.38 36.99
C LYS A 622 6.55 -0.42 38.24
N ALA A 623 6.38 -1.73 38.11
CA ALA A 623 5.89 -2.54 39.22
C ALA A 623 6.87 -2.53 40.40
N ASP A 624 8.17 -2.67 40.13
CA ASP A 624 9.15 -2.75 41.22
C ASP A 624 10.22 -1.67 41.23
N GLY A 625 10.44 -0.95 40.12
CA GLY A 625 11.47 0.07 40.11
C GLY A 625 12.90 -0.42 39.99
N LEU A 626 13.10 -1.64 39.47
CA LEU A 626 14.38 -2.24 39.18
C LEU A 626 14.81 -1.92 37.75
N PRO A 627 16.11 -1.90 37.46
CA PRO A 627 16.58 -1.39 36.18
C PRO A 627 16.19 -2.27 35.00
N VAL A 628 15.81 -1.61 33.91
CA VAL A 628 15.69 -2.24 32.59
C VAL A 628 16.75 -1.60 31.68
N VAL A 629 16.93 -2.19 30.50
CA VAL A 629 17.93 -1.71 29.54
C VAL A 629 17.21 -1.16 28.32
N ILE A 630 17.45 0.12 28.03
CA ILE A 630 16.88 0.75 26.84
C ILE A 630 17.65 0.27 25.62
N SER A 631 16.91 -0.11 24.58
CA SER A 631 17.49 -0.65 23.35
C SER A 631 17.01 0.13 22.13
N GLY A 632 17.15 -0.45 20.95
CA GLY A 632 16.91 0.30 19.73
C GLY A 632 15.42 0.53 19.44
N THR A 633 15.18 1.43 18.50
CA THR A 633 13.83 1.77 18.06
C THR A 633 13.51 0.99 16.79
N GLU A 634 12.33 0.40 16.72
CA GLU A 634 11.93 -0.34 15.53
C GLU A 634 10.41 -0.45 15.50
N LYS A 635 9.89 -0.94 14.38
CA LYS A 635 8.46 -1.08 14.19
C LYS A 635 7.84 -1.82 15.37
N MET A 636 6.72 -1.29 15.87
CA MET A 636 5.99 -1.96 16.95
C MET A 636 5.59 -3.36 16.51
N SER A 637 5.87 -4.34 17.36
CA SER A 637 5.50 -5.73 17.06
C SER A 637 5.55 -6.56 18.32
N LYS A 638 4.84 -7.70 18.29
CA LYS A 638 4.91 -8.66 19.38
C LYS A 638 6.31 -9.23 19.55
N SER A 639 7.14 -9.18 18.50
CA SER A 639 8.47 -9.80 18.53
C SER A 639 9.33 -9.25 19.67
N LYS A 640 9.46 -7.93 19.76
CA LYS A 640 10.23 -7.31 20.82
C LYS A 640 9.34 -6.60 21.83
N ASN A 641 8.05 -6.90 21.80
CA ASN A 641 7.10 -6.45 22.83
C ASN A 641 7.11 -4.95 22.99
N ASN A 642 7.17 -4.21 21.87
CA ASN A 642 7.20 -2.76 21.94
C ASN A 642 5.93 -2.15 21.34
N GLY A 643 4.83 -2.89 21.35
CA GLY A 643 3.57 -2.32 20.94
C GLY A 643 2.97 -1.47 22.04
N VAL A 644 2.67 -0.22 21.74
CA VAL A 644 1.96 0.63 22.70
C VAL A 644 0.47 0.49 22.39
N ASP A 645 -0.29 0.08 23.40
CA ASP A 645 -1.71 -0.20 23.25
C ASP A 645 -2.48 1.10 23.09
N PRO A 646 -3.17 1.31 21.97
CA PRO A 646 -3.92 2.57 21.82
C PRO A 646 -5.01 2.74 22.87
N GLN A 647 -5.56 1.64 23.39
CA GLN A 647 -6.59 1.78 24.43
C GLN A 647 -6.03 2.44 25.68
N GLU A 648 -4.76 2.17 26.00
CA GLU A 648 -4.14 2.82 27.14
C GLU A 648 -3.94 4.30 26.87
N LEU A 649 -3.60 4.65 25.62
CA LEU A 649 -3.46 6.05 25.24
C LEU A 649 -4.78 6.78 25.32
N ILE A 650 -5.87 6.16 24.85
CA ILE A 650 -7.19 6.77 24.93
C ILE A 650 -7.64 6.88 26.38
N ASN A 651 -7.42 5.83 27.18
CA ASN A 651 -7.84 5.88 28.58
C ASN A 651 -7.15 6.99 29.35
N ALA A 652 -5.89 7.29 29.02
CA ALA A 652 -5.15 8.24 29.82
C ALA A 652 -5.38 9.69 29.39
N TYR A 653 -5.64 9.92 28.10
CA TYR A 653 -5.70 11.28 27.55
C TYR A 653 -6.96 11.57 26.72
N GLY A 654 -7.70 10.58 26.27
CA GLY A 654 -8.86 10.79 25.42
C GLY A 654 -8.53 10.63 23.94
N ALA A 655 -9.59 10.51 23.16
CA ALA A 655 -9.44 10.24 21.72
C ALA A 655 -8.74 11.38 21.00
N ASP A 656 -9.09 12.64 21.33
CA ASP A 656 -8.55 13.75 20.56
C ASP A 656 -7.03 13.85 20.69
N THR A 657 -6.52 13.67 21.91
CA THR A 657 -5.07 13.65 22.08
C THR A 657 -4.42 12.56 21.24
N ALA A 658 -5.02 11.36 21.21
CA ALA A 658 -4.45 10.29 20.40
C ALA A 658 -4.41 10.70 18.92
N ARG A 659 -5.54 11.20 18.41
CA ARG A 659 -5.61 11.64 17.01
C ARG A 659 -4.62 12.77 16.73
N LEU A 660 -4.54 13.75 17.63
CA LEU A 660 -3.68 14.89 17.39
C LEU A 660 -2.21 14.47 17.37
N PHE A 661 -1.81 13.65 18.35
CA PHE A 661 -0.43 13.19 18.35
C PHE A 661 -0.07 12.45 17.06
N MET A 662 -0.97 11.56 16.61
CA MET A 662 -0.69 10.78 15.40
C MET A 662 -0.52 11.70 14.20
N MET A 663 -1.30 12.78 14.13
CA MET A 663 -1.24 13.65 12.96
C MET A 663 -0.11 14.66 13.05
N PHE A 664 0.30 15.04 14.25
CA PHE A 664 1.32 16.06 14.41
C PHE A 664 2.74 15.48 14.40
N ALA A 665 2.90 14.23 14.82
CA ALA A 665 4.22 13.69 15.09
C ALA A 665 5.05 13.56 13.83
N ALA A 666 4.42 13.23 12.70
CA ALA A 666 5.14 13.05 11.45
C ALA A 666 4.16 13.23 10.30
N PRO A 667 4.65 13.58 9.11
CA PRO A 667 3.80 13.47 7.91
C PRO A 667 3.36 12.04 7.71
N PRO A 668 2.22 11.81 7.04
CA PRO A 668 1.68 10.44 6.95
C PRO A 668 2.64 9.40 6.37
N GLU A 669 3.48 9.77 5.40
CA GLU A 669 4.37 8.78 4.78
C GLU A 669 5.60 8.47 5.62
N GLN A 670 5.93 9.31 6.58
CA GLN A 670 7.11 9.14 7.43
CA GLN A 670 7.13 9.08 7.38
C GLN A 670 6.83 8.11 8.52
N SER A 671 7.87 7.42 8.97
CA SER A 671 7.70 6.60 10.17
CA SER A 671 7.73 6.61 10.18
C SER A 671 7.38 7.50 11.35
N LEU A 672 6.47 7.03 12.19
CA LEU A 672 6.01 7.80 13.35
C LEU A 672 6.60 7.19 14.60
N GLU A 673 7.37 8.00 15.33
CA GLU A 673 8.11 7.53 16.50
C GLU A 673 7.29 7.80 17.74
N TRP A 674 6.96 6.75 18.50
CA TRP A 674 6.24 6.93 19.74
C TRP A 674 7.05 7.79 20.70
N SER A 675 6.38 8.75 21.34
CA SER A 675 7.04 9.70 22.23
C SER A 675 6.10 10.06 23.37
N ASP A 676 6.48 9.69 24.60
CA ASP A 676 5.68 10.11 25.76
C ASP A 676 5.55 11.62 25.81
N SER A 677 6.66 12.33 25.65
CA SER A 677 6.61 13.79 25.73
C SER A 677 5.81 14.37 24.59
N GLY A 678 5.90 13.75 23.41
CA GLY A 678 5.07 14.20 22.29
C GLY A 678 3.58 14.03 22.56
N VAL A 679 3.19 12.90 23.14
CA VAL A 679 1.79 12.73 23.51
C VAL A 679 1.38 13.80 24.51
N GLU A 680 2.20 14.06 25.52
CA GLU A 680 1.87 15.09 26.50
C GLU A 680 1.77 16.46 25.87
N GLY A 681 2.66 16.78 24.92
CA GLY A 681 2.56 18.05 24.23
C GLY A 681 1.28 18.21 23.45
N ALA A 682 0.80 17.12 22.83
CA ALA A 682 -0.48 17.18 22.13
C ALA A 682 -1.61 17.49 23.11
N HIS A 683 -1.62 16.81 24.25
CA HIS A 683 -2.65 17.05 25.24
C HIS A 683 -2.58 18.50 25.75
N ARG A 684 -1.36 18.99 25.98
CA ARG A 684 -1.24 20.36 26.46
C ARG A 684 -1.73 21.35 25.43
N PHE A 685 -1.57 21.05 24.15
CA PHE A 685 -2.09 21.98 23.14
C PHE A 685 -3.61 22.00 23.18
N LEU A 686 -4.25 20.84 23.38
CA LEU A 686 -5.71 20.84 23.49
C LEU A 686 -6.17 21.60 24.71
N ARG A 687 -5.45 21.48 25.83
CA ARG A 687 -5.76 22.29 27.00
C ARG A 687 -5.64 23.78 26.69
N ARG A 688 -4.61 24.15 25.91
CA ARG A 688 -4.43 25.54 25.54
C ARG A 688 -5.57 26.03 24.66
N LEU A 689 -5.97 25.21 23.68
CA LEU A 689 -7.11 25.56 22.85
C LEU A 689 -8.37 25.76 23.70
N TRP A 690 -8.63 24.85 24.65
CA TRP A 690 -9.77 24.97 25.53
C TRP A 690 -9.72 26.28 26.31
N ARG A 691 -8.56 26.59 26.87
CA ARG A 691 -8.43 27.77 27.72
C ARG A 691 -8.56 29.06 26.91
N THR A 692 -8.02 29.08 25.70
CA THR A 692 -8.15 30.27 24.84
C THR A 692 -9.62 30.62 24.61
N VAL A 693 -10.45 29.61 24.31
CA VAL A 693 -11.86 29.87 24.10
C VAL A 693 -12.55 30.22 25.41
N TYR A 694 -12.27 29.46 26.48
CA TYR A 694 -12.84 29.79 27.79
C TYR A 694 -12.54 31.24 28.18
N GLU A 695 -11.27 31.65 28.10
CA GLU A 695 -10.90 33.00 28.50
C GLU A 695 -11.55 34.05 27.60
N TYR A 696 -11.63 33.77 26.31
CA TYR A 696 -12.29 34.71 25.39
C TYR A 696 -13.74 34.92 25.78
N LEU A 697 -14.46 33.83 26.02
CA LEU A 697 -15.88 33.92 26.35
C LEU A 697 -16.11 34.48 27.74
N LYS A 698 -15.16 34.31 28.65
CA LYS A 698 -15.34 34.84 30.00
C LYS A 698 -15.19 36.36 30.01
N GLN A 699 -14.54 36.95 29.00
CA GLN A 699 -14.41 38.39 28.91
C GLN A 699 -15.55 39.04 28.12
N GLY A 700 -16.72 38.42 28.05
CA GLY A 700 -17.85 39.06 27.42
C GLY A 700 -18.78 38.20 26.59
N GLY A 701 -18.43 36.94 26.38
CA GLY A 701 -19.24 36.06 25.57
C GLY A 701 -19.16 36.40 24.09
N ALA A 702 -19.82 35.55 23.31
CA ALA A 702 -19.62 35.54 21.86
C ALA A 702 -20.22 36.78 21.21
N VAL A 703 -19.59 37.22 20.11
CA VAL A 703 -20.11 38.32 19.31
C VAL A 703 -20.18 37.87 17.86
N LYS A 704 -20.78 38.71 17.02
CA LYS A 704 -20.75 38.45 15.58
C LYS A 704 -19.30 38.49 15.09
N ALA A 705 -18.88 37.44 14.40
CA ALA A 705 -17.52 37.40 13.86
C ALA A 705 -17.30 38.53 12.86
N PHE A 706 -16.10 39.10 12.88
CA PHE A 706 -15.80 40.16 11.92
C PHE A 706 -15.94 39.64 10.50
N ALA A 707 -16.59 40.41 9.65
CA ALA A 707 -16.73 40.07 8.24
C ALA A 707 -16.81 41.33 7.42
N GLY A 708 -16.27 41.26 6.21
CA GLY A 708 -16.44 42.32 5.24
C GLY A 708 -15.26 43.28 5.18
N ASN A 709 -15.57 44.48 4.72
CA ASN A 709 -14.60 45.56 4.54
C ASN A 709 -13.80 45.78 5.82
N GLN A 710 -12.48 45.61 5.74
CA GLN A 710 -11.64 45.81 6.90
C GLN A 710 -10.95 47.18 6.91
N ASP A 711 -11.25 48.05 5.96
CA ASP A 711 -10.80 49.43 6.07
C ASP A 711 -11.34 50.01 7.38
N GLY A 712 -10.45 50.64 8.15
CA GLY A 712 -10.81 51.14 9.44
C GLY A 712 -10.35 50.28 10.61
N LEU A 713 -10.06 49.00 10.37
CA LEU A 713 -9.42 48.21 11.42
C LEU A 713 -8.03 48.74 11.70
N SER A 714 -7.60 48.61 12.96
CA SER A 714 -6.24 48.95 13.33
C SER A 714 -5.25 48.03 12.62
N LYS A 715 -4.02 48.52 12.47
CA LYS A 715 -2.95 47.72 11.86
C LYS A 715 -2.79 46.37 12.55
N GLU A 716 -2.81 46.36 13.89
CA GLU A 716 -2.61 45.11 14.61
C GLU A 716 -3.69 44.09 14.27
N LEU A 717 -4.94 44.55 14.14
CA LEU A 717 -6.01 43.63 13.81
C LEU A 717 -6.03 43.26 12.33
N LYS A 718 -5.63 44.19 11.44
CA LYS A 718 -5.40 43.78 10.06
C LYS A 718 -4.34 42.70 9.97
N ASP A 719 -3.27 42.83 10.77
CA ASP A 719 -2.21 41.83 10.76
C ASP A 719 -2.70 40.48 11.25
N LEU A 720 -3.60 40.48 12.22
CA LEU A 720 -4.14 39.20 12.69
C LEU A 720 -5.09 38.60 11.65
N ARG A 721 -5.88 39.43 10.97
CA ARG A 721 -6.73 38.89 9.90
C ARG A 721 -5.89 38.35 8.74
N HIS A 722 -4.76 38.99 8.45
CA HIS A 722 -3.87 38.48 7.41
C HIS A 722 -3.35 37.10 7.81
N LYS A 723 -2.90 36.95 9.05
CA LYS A 723 -2.47 35.64 9.54
C LYS A 723 -3.61 34.62 9.48
N LEU A 724 -4.81 35.05 9.87
CA LEU A 724 -5.96 34.15 9.87
C LEU A 724 -6.25 33.59 8.48
N HIS A 725 -6.41 34.46 7.49
CA HIS A 725 -6.76 33.96 6.17
C HIS A 725 -5.58 33.30 5.47
N SER A 726 -4.36 33.75 5.76
CA SER A 726 -3.16 33.03 5.37
C SER A 726 -3.15 31.61 5.93
N THR A 727 -3.56 31.46 7.19
CA THR A 727 -3.60 30.14 7.81
C THR A 727 -4.69 29.27 7.18
N THR A 728 -5.86 29.83 6.91
CA THR A 728 -6.91 29.06 6.25
C THR A 728 -6.44 28.54 4.90
N ALA A 729 -5.74 29.40 4.13
CA ALA A 729 -5.24 28.97 2.82
C ALA A 729 -4.25 27.82 2.97
N LYS A 730 -3.30 27.96 3.89
CA LYS A 730 -2.30 26.92 4.13
C LYS A 730 -2.94 25.61 4.55
N VAL A 731 -3.84 25.66 5.55
CA VAL A 731 -4.46 24.44 6.04
C VAL A 731 -5.26 23.77 4.92
N SER A 732 -6.02 24.55 4.16
CA SER A 732 -6.78 23.98 3.05
C SER A 732 -5.85 23.29 2.06
N ASP A 733 -4.72 23.92 1.74
CA ASP A 733 -3.79 23.30 0.81
C ASP A 733 -3.12 22.08 1.40
N ASP A 734 -2.87 22.09 2.72
CA ASP A 734 -2.29 20.91 3.38
C ASP A 734 -3.27 19.74 3.39
N TYR A 735 -4.53 19.99 3.78
CA TYR A 735 -5.53 18.92 3.77
C TYR A 735 -5.84 18.44 2.35
N GLY A 736 -6.01 19.38 1.42
CA GLY A 736 -6.54 19.07 0.12
C GLY A 736 -5.53 18.58 -0.90
N ARG A 737 -4.33 19.16 -0.86
CA ARG A 737 -3.33 18.93 -1.89
C ARG A 737 -2.13 18.16 -1.37
N ARG A 738 -1.48 18.64 -0.31
CA ARG A 738 -0.24 18.07 0.16
C ARG A 738 -0.44 16.86 1.06
N GLN A 739 -1.60 16.75 1.69
CA GLN A 739 -1.89 15.69 2.66
C GLN A 739 -0.75 15.56 3.67
N GLN A 740 -0.40 16.71 4.24
CA GLN A 740 0.64 16.87 5.25
C GLN A 740 -0.05 17.55 6.44
N PHE A 741 -0.56 16.74 7.35
CA PHE A 741 -1.41 17.30 8.38
C PHE A 741 -0.60 17.91 9.53
N ASN A 742 0.66 17.50 9.69
CA ASN A 742 1.47 18.11 10.76
C ASN A 742 1.69 19.59 10.50
N THR A 743 1.94 19.97 9.25
CA THR A 743 2.16 21.39 8.98
C THR A 743 0.88 22.20 9.13
N ALA A 744 -0.28 21.59 8.86
CA ALA A 744 -1.55 22.29 9.08
C ALA A 744 -1.71 22.61 10.55
N ILE A 745 -1.43 21.64 11.42
CA ILE A 745 -1.52 21.87 12.86
C ILE A 745 -0.57 22.98 13.27
N ALA A 746 0.66 22.95 12.77
CA ALA A 746 1.62 23.97 13.14
C ALA A 746 1.17 25.36 12.67
N ALA A 747 0.49 25.43 11.52
CA ALA A 747 -0.01 26.71 11.04
C ALA A 747 -1.08 27.29 11.97
N VAL A 748 -2.03 26.44 12.43
CA VAL A 748 -3.01 26.90 13.41
C VAL A 748 -2.34 27.31 14.73
N MET A 749 -1.28 26.59 15.11
CA MET A 749 -0.54 27.00 16.30
C MET A 749 0.07 28.39 16.15
N GLU A 750 0.64 28.68 14.97
CA GLU A 750 1.22 30.01 14.75
C GLU A 750 0.13 31.09 14.76
N LEU A 751 -1.04 30.78 14.22
CA LEU A 751 -2.16 31.71 14.29
C LEU A 751 -2.52 32.00 15.74
N LEU A 752 -2.62 30.95 16.55
CA LEU A 752 -2.95 31.13 17.96
C LEU A 752 -1.86 31.91 18.68
N ASN A 753 -0.59 31.70 18.32
CA ASN A 753 0.49 32.51 18.88
C ASN A 753 0.30 33.98 18.55
N GLN A 754 -0.05 34.31 17.30
CA GLN A 754 -0.22 35.71 16.96
C GLN A 754 -1.43 36.31 17.66
N TYR A 755 -2.52 35.55 17.74
CA TYR A 755 -3.69 35.98 18.50
C TYR A 755 -3.31 36.31 19.95
N ASP A 756 -2.50 35.44 20.56
CA ASP A 756 -2.08 35.64 21.95
C ASP A 756 -1.33 36.95 22.13
N LYS A 757 -0.62 37.39 21.12
CA LYS A 757 0.15 38.62 21.20
C LYS A 757 -0.62 39.84 20.73
N THR A 758 -1.87 39.67 20.30
CA THR A 758 -2.67 40.79 19.81
C THR A 758 -3.67 41.22 20.87
N ASP A 759 -3.76 42.53 21.11
CA ASP A 759 -4.79 43.09 21.98
C ASP A 759 -6.13 43.01 21.25
N THR A 760 -7.04 42.18 21.74
CA THR A 760 -8.36 42.03 21.14
C THR A 760 -9.48 42.51 22.06
N GLY A 761 -9.16 43.43 22.98
CA GLY A 761 -10.15 43.85 23.96
C GLY A 761 -11.18 44.83 23.46
N SER A 762 -10.93 45.51 22.36
CA SER A 762 -11.86 46.51 21.85
C SER A 762 -13.05 45.84 21.18
N GLU A 763 -14.03 46.67 20.80
CA GLU A 763 -15.18 46.15 20.07
C GLU A 763 -14.74 45.48 18.77
N GLN A 764 -13.91 46.17 17.97
CA GLN A 764 -13.41 45.55 16.75
C GLN A 764 -12.49 44.36 17.07
N GLY A 765 -11.73 44.43 18.16
CA GLY A 765 -10.86 43.32 18.50
C GLY A 765 -11.63 42.06 18.85
N ARG A 766 -12.80 42.24 19.49
CA ARG A 766 -13.59 41.07 19.85
C ARG A 766 -14.19 40.45 18.60
N ALA A 767 -14.61 41.29 17.65
CA ALA A 767 -15.14 40.78 16.39
C ALA A 767 -14.08 39.96 15.65
N VAL A 768 -12.84 40.45 15.66
CA VAL A 768 -11.75 39.72 15.01
C VAL A 768 -11.39 38.47 15.81
N ALA A 769 -11.39 38.57 17.14
CA ALA A 769 -11.11 37.40 17.96
C ALA A 769 -12.14 36.31 17.71
N GLN A 770 -13.41 36.70 17.57
CA GLN A 770 -14.45 35.74 17.26
C GLN A 770 -14.18 35.08 15.91
N GLU A 771 -13.77 35.87 14.91
CA GLU A 771 -13.46 35.32 13.60
C GLU A 771 -12.28 34.36 13.67
N VAL A 772 -11.25 34.73 14.43
CA VAL A 772 -10.07 33.87 14.56
C VAL A 772 -10.45 32.52 15.18
N LEU A 773 -11.17 32.55 16.30
CA LEU A 773 -11.44 31.31 17.02
C LEU A 773 -12.44 30.44 16.27
N GLU A 774 -13.42 31.05 15.59
CA GLU A 774 -14.36 30.27 14.78
C GLU A 774 -13.64 29.57 13.63
N ALA A 775 -12.64 30.21 13.04
CA ALA A 775 -11.90 29.55 11.99
C ALA A 775 -11.01 28.45 12.57
N ALA A 776 -10.32 28.77 13.66
CA ALA A 776 -9.37 27.81 14.23
C ALA A 776 -10.06 26.50 14.65
N VAL A 777 -11.27 26.59 15.22
CA VAL A 777 -11.90 25.35 15.65
C VAL A 777 -12.45 24.58 14.45
N ARG A 778 -12.79 25.25 13.36
CA ARG A 778 -13.22 24.50 12.19
C ARG A 778 -12.03 23.94 11.42
N LEU A 779 -10.91 24.67 11.38
CA LEU A 779 -9.72 24.15 10.73
C LEU A 779 -9.21 22.92 11.43
N LEU A 780 -9.37 22.83 12.75
CA LEU A 780 -8.88 21.67 13.49
C LEU A 780 -9.92 20.56 13.64
N TRP A 781 -11.18 20.83 13.32
CA TRP A 781 -12.23 19.83 13.53
C TRP A 781 -11.96 18.51 12.84
N PRO A 782 -11.44 18.46 11.60
CA PRO A 782 -11.10 17.15 11.03
C PRO A 782 -10.15 16.33 11.89
N ILE A 783 -9.24 16.98 12.61
CA ILE A 783 -8.22 16.27 13.38
C ILE A 783 -8.70 15.92 14.78
N VAL A 784 -9.23 16.90 15.49
CA VAL A 784 -9.70 16.72 16.87
C VAL A 784 -11.17 17.13 16.91
N PRO A 785 -12.09 16.32 16.36
CA PRO A 785 -13.48 16.79 16.22
C PRO A 785 -14.22 16.95 17.54
N HIS A 786 -13.91 16.16 18.57
CA HIS A 786 -14.73 16.24 19.79
C HIS A 786 -14.58 17.59 20.45
N ILE A 787 -13.33 18.01 20.70
CA ILE A 787 -13.15 19.30 21.35
C ILE A 787 -13.60 20.44 20.44
N CYS A 788 -13.40 20.34 19.11
CA CYS A 788 -13.77 21.46 18.26
C CYS A 788 -15.29 21.61 18.18
N GLU A 789 -16.01 20.49 18.13
CA GLU A 789 -17.46 20.49 18.18
C GLU A 789 -17.95 21.19 19.43
N THR A 790 -17.34 20.85 20.57
CA THR A 790 -17.75 21.43 21.83
C THR A 790 -17.43 22.92 21.89
N LEU A 791 -16.22 23.30 21.47
CA LEU A 791 -15.85 24.72 21.51
C LEU A 791 -16.69 25.54 20.55
N TRP A 792 -16.94 25.01 19.35
CA TRP A 792 -17.79 25.68 18.37
C TRP A 792 -19.17 25.99 18.96
N SER A 793 -19.75 25.01 19.66
CA SER A 793 -21.04 25.20 20.29
C SER A 793 -21.04 26.33 21.31
N GLU A 794 -19.88 26.63 21.93
CA GLU A 794 -19.85 27.75 22.86
C GLU A 794 -19.66 29.08 22.14
N LEU A 795 -19.10 29.05 20.93
CA LEU A 795 -18.83 30.25 20.15
C LEU A 795 -19.99 30.66 19.26
N ASN A 796 -20.83 29.71 18.84
CA ASN A 796 -21.74 29.93 17.72
C ASN A 796 -22.85 28.90 17.79
N GLY A 797 -24.08 29.33 17.49
CA GLY A 797 -25.22 28.46 17.61
C GLY A 797 -25.54 27.59 16.40
N ALA A 798 -24.88 27.82 15.27
CA ALA A 798 -25.16 27.05 14.07
C ALA A 798 -24.50 25.67 14.15
N LYS A 799 -25.02 24.73 13.35
CA LYS A 799 -24.39 23.42 13.18
C LYS A 799 -23.02 23.60 12.54
N LEU A 800 -21.96 23.10 13.21
CA LEU A 800 -20.61 23.30 12.69
C LEU A 800 -20.51 22.84 11.24
N TRP A 801 -21.04 21.66 10.95
CA TRP A 801 -20.96 21.12 9.59
C TRP A 801 -21.80 21.92 8.60
N GLU A 802 -22.73 22.75 9.06
CA GLU A 802 -23.46 23.63 8.15
C GLU A 802 -22.77 24.98 7.97
N ALA A 803 -21.99 25.43 8.97
CA ALA A 803 -21.14 26.61 8.76
C ALA A 803 -20.10 26.34 7.69
N GLY A 804 -19.68 25.08 7.55
CA GLY A 804 -18.80 24.69 6.47
C GLY A 804 -17.36 25.07 6.71
N TRP A 805 -16.53 24.70 5.74
CA TRP A 805 -15.10 24.96 5.81
C TRP A 805 -14.83 26.47 5.72
N PRO A 806 -13.91 27.00 6.53
CA PRO A 806 -13.66 28.45 6.50
C PRO A 806 -13.22 28.91 5.12
N THR A 807 -13.64 30.11 4.74
CA THR A 807 -13.31 30.68 3.44
C THR A 807 -12.16 31.67 3.59
N VAL A 808 -11.31 31.73 2.59
CA VAL A 808 -10.25 32.72 2.56
C VAL A 808 -10.85 34.05 2.12
N ASP A 809 -10.58 35.09 2.89
CA ASP A 809 -10.95 36.47 2.53
C ASP A 809 -9.73 37.09 1.84
N GLU A 810 -9.77 37.17 0.51
CA GLU A 810 -8.61 37.71 -0.19
C GLU A 810 -8.35 39.17 0.15
N ALA A 811 -9.39 39.93 0.50
CA ALA A 811 -9.19 41.32 0.89
C ALA A 811 -8.33 41.44 2.14
N ALA A 812 -8.37 40.43 3.02
CA ALA A 812 -7.50 40.44 4.19
C ALA A 812 -6.05 40.16 3.84
N LEU A 813 -5.75 39.74 2.60
CA LEU A 813 -4.41 39.37 2.20
C LEU A 813 -3.72 40.45 1.39
N VAL A 814 -4.44 41.49 0.99
CA VAL A 814 -3.86 42.63 0.30
C VAL A 814 -3.48 43.68 1.34
N LYS A 815 -2.33 44.31 1.14
CA LYS A 815 -1.79 45.28 2.08
C LYS A 815 -2.04 46.70 1.57
N SER A 816 -2.47 47.57 2.49
CA SER A 816 -2.89 48.93 2.14
C SER A 816 -1.66 49.80 1.94
N GLU A 817 -1.33 50.09 0.69
CA GLU A 817 -0.24 50.97 0.33
C GLU A 817 -0.76 52.38 0.04
N ILE A 818 0.14 53.35 0.12
CA ILE A 818 -0.17 54.74 -0.19
C ILE A 818 0.90 55.26 -1.13
N GLU A 819 0.47 55.77 -2.28
CA GLU A 819 1.40 56.23 -3.31
C GLU A 819 1.84 57.67 -3.01
N VAL A 820 3.15 57.88 -2.91
CA VAL A 820 3.71 59.18 -2.56
C VAL A 820 4.56 59.68 -3.73
N MET A 821 4.49 60.98 -3.99
CA MET A 821 5.30 61.58 -5.05
C MET A 821 6.69 61.89 -4.53
N VAL A 822 7.68 61.75 -5.40
CA VAL A 822 9.06 62.09 -5.10
C VAL A 822 9.49 63.21 -6.03
N GLN A 823 10.38 64.09 -5.54
CA GLN A 823 10.83 65.21 -6.34
C GLN A 823 12.19 65.69 -5.84
N VAL A 824 12.98 66.23 -6.76
CA VAL A 824 14.29 66.81 -6.46
C VAL A 824 14.29 68.24 -6.97
N ASN A 825 14.62 69.18 -6.09
CA ASN A 825 14.62 70.62 -6.39
C ASN A 825 13.23 71.11 -6.80
N GLY A 826 12.19 70.52 -6.21
CA GLY A 826 10.83 70.96 -6.43
C GLY A 826 10.13 70.41 -7.65
N LYS A 827 10.84 69.67 -8.51
CA LYS A 827 10.28 69.11 -9.72
C LYS A 827 10.07 67.61 -9.53
N LEU A 828 8.87 67.13 -9.84
CA LEU A 828 8.54 65.72 -9.66
C LEU A 828 9.43 64.83 -10.53
N ARG A 829 10.09 63.87 -9.89
CA ARG A 829 10.99 62.92 -10.55
C ARG A 829 10.65 61.50 -10.13
N GLY A 830 9.38 61.13 -10.21
CA GLY A 830 8.94 59.78 -9.90
C GLY A 830 7.69 59.82 -9.03
N LYS A 831 7.45 58.70 -8.37
CA LYS A 831 6.29 58.55 -7.49
C LYS A 831 6.44 57.32 -6.60
N ALA A 841 10.78 58.49 7.79
CA ALA A 841 12.09 57.85 7.63
C ALA A 841 11.97 56.61 6.74
N ASP A 842 10.86 55.88 6.87
CA ASP A 842 10.62 54.74 5.97
C ASP A 842 10.39 55.22 4.55
N LEU A 843 9.64 56.31 4.38
CA LEU A 843 9.41 56.84 3.03
C LEU A 843 10.67 57.49 2.46
N GLU A 844 11.51 58.06 3.32
CA GLU A 844 12.78 58.62 2.86
C GLU A 844 13.68 57.54 2.26
N ALA A 845 13.71 56.36 2.89
CA ALA A 845 14.58 55.29 2.41
C ALA A 845 14.12 54.73 1.07
N ALA A 846 12.81 54.71 0.83
CA ALA A 846 12.31 54.21 -0.46
C ALA A 846 12.53 55.23 -1.58
N ALA A 847 12.27 56.51 -1.30
CA ALA A 847 12.48 57.55 -2.31
C ALA A 847 13.95 57.74 -2.66
N LEU A 848 14.87 57.35 -1.76
CA LEU A 848 16.28 57.32 -2.13
C LEU A 848 16.60 56.07 -2.95
N ALA A 849 15.89 54.98 -2.70
CA ALA A 849 15.95 53.81 -3.57
C ALA A 849 15.24 54.04 -4.90
N ASN A 850 14.54 55.17 -5.03
CA ASN A 850 13.84 55.52 -6.27
C ASN A 850 14.83 55.90 -7.38
N ILE A 865 16.07 66.62 3.02
CA ILE A 865 14.98 65.76 2.59
C ILE A 865 13.69 66.08 3.36
N ILE A 866 12.83 66.90 2.76
CA ILE A 866 11.55 67.24 3.36
C ILE A 866 10.54 66.15 3.06
N VAL A 867 9.79 65.72 4.09
CA VAL A 867 8.79 64.67 3.96
C VAL A 867 7.51 65.21 4.55
N VAL A 868 6.58 65.63 3.71
CA VAL A 868 5.22 65.93 4.12
C VAL A 868 4.53 64.60 4.37
N PRO A 869 4.20 64.26 5.64
CA PRO A 869 3.80 62.88 5.98
C PRO A 869 2.79 62.24 5.05
N GLY A 870 3.22 61.21 4.31
CA GLY A 870 2.34 60.34 3.57
C GLY A 870 1.96 60.79 2.18
N ARG A 871 2.33 62.01 1.78
CA ARG A 871 1.93 62.53 0.48
C ARG A 871 3.10 62.91 -0.41
N LEU A 872 4.12 63.55 0.14
CA LEU A 872 5.21 64.10 -0.66
C LEU A 872 6.52 63.87 0.05
N VAL A 873 7.54 63.49 -0.71
CA VAL A 873 8.92 63.44 -0.24
C VAL A 873 9.79 64.19 -1.23
N ASN A 874 10.57 65.14 -0.72
CA ASN A 874 11.35 66.04 -1.56
C ASN A 874 12.84 65.84 -1.24
N ILE A 875 13.62 65.49 -2.26
CA ILE A 875 15.06 65.27 -2.11
C ILE A 875 15.76 66.60 -2.34
N VAL A 876 16.17 67.25 -1.25
CA VAL A 876 16.95 68.48 -1.32
C VAL A 876 18.24 68.19 -2.08
N VAL A 877 18.23 68.47 -3.38
CA VAL A 877 19.34 68.09 -4.26
C VAL A 877 20.61 68.83 -3.89
N OVW B . -6.91 -6.46 6.04
CA OVW B . -5.65 -5.98 5.43
CB OVW B . -5.88 -4.87 4.40
C OVW B . -4.75 -5.43 6.51
O OVW B . -3.61 -5.03 6.32
CG OVW B . -6.57 -5.35 3.14
CD1 OVW B . -5.57 -6.17 2.30
CD2 OVW B . -7.08 -4.15 2.35
C1 OVW B . -2.98 -0.68 9.49
C13 OVW B . 2.24 -0.96 12.58
C14 OVW B . 1.84 -1.74 11.54
C15 OVW B . 2.17 -1.20 14.07
C16 OVW B . 1.68 -2.59 14.43
C17 OVW B . 1.67 -2.87 15.92
C18 OVW B . 1.23 -4.28 16.29
C19 OVW B . 1.11 -4.57 17.78
C2 OVW B . -1.90 -0.67 8.41
C20 OVW B . 0.63 -5.98 18.08
C21 OVW B . -0.08 -6.18 19.42
C22 OVW B . -1.43 -5.49 19.49
C3 OVW B . -2.33 -1.58 7.26
C4 OVW B . -3.72 -1.21 6.75
C5 OVW B . -4.72 -1.08 7.90
C6 OVW B . -5.30 -2.38 8.43
C7 OVW B . -0.62 -1.19 9.09
C8 OVW B . 0.69 -0.74 8.44
C9 OVW B . 1.93 -1.40 9.04
N10 OVW B . 2.14 -1.04 10.44
N11 OVW B . 2.70 0.14 10.76
N12 OVW B . 2.76 0.19 12.08
N3S OVW B . -5.33 -5.34 7.80
O1S OVW B . -5.53 -4.86 10.18
O2S OVW B . -3.31 -5.45 9.29
O3 OVW B . -1.40 -1.47 6.17
O4 OVW B . -3.62 0.04 6.07
O5 OVW B . -4.26 -0.27 8.98
O6 OVW B . -4.22 -3.32 8.80
S OVW B . -4.58 -4.84 9.12
ZN ZN C . -22.37 -35.61 -11.84
C1 EDO D . 0.06 -14.06 -8.98
O1 EDO D . -0.37 -14.04 -7.62
C2 EDO D . 0.10 -12.63 -9.51
O2 EDO D . 1.19 -11.95 -8.87
C1 EDO E . 7.26 -12.67 -10.21
O1 EDO E . 7.29 -13.28 -11.52
C2 EDO E . 6.79 -11.23 -10.27
O2 EDO E . 5.66 -11.09 -11.14
C1 EDO F . 0.90 -18.68 -15.74
O1 EDO F . 1.74 -18.70 -14.58
C2 EDO F . 1.77 -18.65 -16.99
O2 EDO F . 2.42 -17.37 -17.09
MG MG G . -7.25 11.52 -15.47
#